data_9BFZ
#
_entry.id   9BFZ
#
_cell.length_a   66.894
_cell.length_b   48.168
_cell.length_c   102.112
_cell.angle_alpha   90.000
_cell.angle_beta   93.880
_cell.angle_gamma   90.000
#
_symmetry.space_group_name_H-M   'P 1 2 1'
#
loop_
_entity.id
_entity.type
_entity.pdbx_description
1 polymer 'GTPase KRas'
2 polymer 'Peptidyl-prolyl cis-trans isomerase A'
3 non-polymer 'PHOSPHOAMINOPHOSPHONIC ACID-GUANYLATE ESTER'
4 non-polymer 'MAGNESIUM ION'
5 non-polymer '(3R)-N-[(2S)-1-{[(1M,8R,10S,14S,21M)-22-ethyl-4-hydroxy-21-[2-(2-methoxyethyl)phenyl]-18,18-dimethyl-9,15-dioxo-16-oxa-10,22,28-triazapentacyclo[18.5.2.1~2,6~.1~10,14~.0~23,27~]nonacosa-1(25),2(29),3,5,20,23,26-heptaen-8-yl]amino}-3-methyl-1-oxobutan-2-yl]-N-methyl-1-propanoylpyrrolidine-3-carboxamide (non-preferred name)'
6 water water
#
loop_
_entity_poly.entity_id
_entity_poly.type
_entity_poly.pdbx_seq_one_letter_code
_entity_poly.pdbx_strand_id
1 'polypeptide(L)'
;SMTEYKLVVVGACGVGKSALTIQLIQNHFVDEYDPTIEDSYRKQVVIDGETSLLDILDTAGQEEYSAMRDQYMRTGEGFL
LVFAINNTKSFEDIHHYREQIKRVKDSEDVPMVLVGNKSDLPSRTVDTKQAQDLARSYGIPFIETSAKTRQGVDDAFYTL
VREIRKHKEK
;
B,A
2 'polypeptide(L)'
;SMVNPTVFFDIAVDGEPLGRVSFELFADKVPKTAENFRALSTGEKGFGYKGSSFHRIIPGFMCQGGDFTRHNGTGGKSIY
GEKFEDENFILKHTGPGILSMANAGPNTNGSQFFICTAKTEWLDGKHVVFGKVKEGMNIVEAMERFGSRNGKTSKKITIA
DCGQLE
;
C,D
#
# COMPACT_ATOMS: atom_id res chain seq x y z
N SER A 1 36.77 -7.45 22.75
CA SER A 1 35.48 -6.98 22.24
C SER A 1 35.67 -5.83 21.27
N MET A 2 34.59 -5.39 20.65
CA MET A 2 34.67 -4.27 19.73
C MET A 2 33.43 -3.42 19.90
N THR A 3 33.45 -2.27 19.25
CA THR A 3 32.35 -1.33 19.28
C THR A 3 32.02 -0.97 17.84
N GLU A 4 30.96 -0.20 17.68
CA GLU A 4 30.47 0.19 16.36
C GLU A 4 29.91 1.59 16.48
N TYR A 5 30.12 2.40 15.44
CA TYR A 5 29.74 3.81 15.45
C TYR A 5 29.11 4.21 14.12
N LYS A 6 28.04 4.98 14.19
CA LYS A 6 27.40 5.52 12.98
C LYS A 6 27.92 6.94 12.80
N LEU A 7 28.75 7.13 11.78
CA LEU A 7 29.28 8.44 11.42
C LEU A 7 28.54 8.97 10.21
N VAL A 8 28.28 10.28 10.20
CA VAL A 8 27.54 10.91 9.11
C VAL A 8 28.37 12.08 8.58
N VAL A 9 28.59 12.10 7.27
CA VAL A 9 29.38 13.15 6.62
C VAL A 9 28.44 14.13 5.94
N VAL A 10 28.47 15.39 6.36
CA VAL A 10 27.58 16.43 5.87
C VAL A 10 28.42 17.63 5.43
N GLY A 11 27.78 18.51 4.67
CA GLY A 11 28.43 19.69 4.14
C GLY A 11 28.00 20.02 2.72
N ALA A 12 28.35 21.21 2.24
CA ALA A 12 27.87 21.68 0.95
C ALA A 12 28.30 20.76 -0.19
N CYS A 13 27.52 20.78 -1.27
CA CYS A 13 27.87 20.01 -2.45
C CYS A 13 29.24 20.42 -2.98
N GLY A 14 30.03 19.41 -3.35
CA GLY A 14 31.31 19.63 -3.98
C GLY A 14 32.49 19.76 -3.04
N VAL A 15 32.28 19.70 -1.72
CA VAL A 15 33.39 19.98 -0.82
C VAL A 15 34.32 18.80 -0.65
N GLY A 16 33.86 17.58 -0.93
CA GLY A 16 34.75 16.43 -0.88
C GLY A 16 34.35 15.39 0.14
N LYS A 17 33.07 15.37 0.50
CA LYS A 17 32.56 14.37 1.45
C LYS A 17 32.80 12.96 0.94
N SER A 18 32.46 12.71 -0.33
CA SER A 18 32.62 11.39 -0.91
C SER A 18 34.09 11.03 -1.09
N ALA A 19 34.88 11.97 -1.64
CA ALA A 19 36.31 11.73 -1.82
C ALA A 19 36.99 11.39 -0.50
N LEU A 20 36.64 12.08 0.57
CA LEU A 20 37.17 11.75 1.90
C LEU A 20 36.75 10.34 2.30
N THR A 21 35.49 10.01 2.11
CA THR A 21 35.03 8.67 2.50
C THR A 21 35.73 7.60 1.66
N ILE A 22 35.86 7.83 0.35
CA ILE A 22 36.43 6.82 -0.52
C ILE A 22 37.91 6.63 -0.25
N GLN A 23 38.61 7.69 0.18
CA GLN A 23 39.99 7.53 0.65
C GLN A 23 40.05 6.67 1.90
N LEU A 24 39.18 6.93 2.87
CA LEU A 24 39.20 6.12 4.08
C LEU A 24 38.89 4.66 3.77
N ILE A 25 37.89 4.41 2.91
CA ILE A 25 37.41 3.05 2.67
C ILE A 25 38.30 2.33 1.64
N GLN A 26 38.61 2.99 0.53
CA GLN A 26 39.21 2.32 -0.62
C GLN A 26 40.64 2.74 -0.93
N ASN A 27 41.19 3.72 -0.20
CA ASN A 27 42.57 4.18 -0.35
C ASN A 27 42.90 4.57 -1.78
N HIS A 28 42.00 5.32 -2.41
CA HIS A 28 42.33 5.98 -3.67
C HIS A 28 41.48 7.23 -3.83
N PHE A 29 41.84 8.04 -4.83
CA PHE A 29 41.18 9.31 -5.10
C PHE A 29 41.09 9.48 -6.61
N VAL A 30 39.96 10.03 -7.09
CA VAL A 30 39.81 10.36 -8.50
C VAL A 30 39.30 11.79 -8.63
N ASP A 31 39.70 12.44 -9.72
CA ASP A 31 39.29 13.81 -10.01
C ASP A 31 37.83 13.90 -10.44
N GLU A 32 37.30 12.84 -11.05
CA GLU A 32 35.95 12.89 -11.60
C GLU A 32 34.93 13.07 -10.47
N TYR A 33 33.98 13.97 -10.68
CA TYR A 33 32.96 14.27 -9.70
C TYR A 33 31.75 13.37 -9.97
N ASP A 34 31.40 12.55 -8.99
CA ASP A 34 30.19 11.72 -9.09
C ASP A 34 29.23 12.18 -8.02
N PRO A 35 28.27 13.06 -8.34
CA PRO A 35 27.42 13.67 -7.30
C PRO A 35 26.58 12.63 -6.57
N THR A 36 26.57 12.74 -5.25
CA THR A 36 26.00 11.72 -4.37
C THR A 36 24.49 11.85 -4.25
N ILE A 37 23.79 10.70 -4.22
CA ILE A 37 22.41 10.70 -3.73
C ILE A 37 22.48 10.29 -2.27
N GLU A 38 22.95 9.07 -2.03
CA GLU A 38 23.21 8.58 -0.69
C GLU A 38 24.05 7.32 -0.80
N ASP A 39 25.08 7.18 0.03
CA ASP A 39 25.88 5.95 0.04
C ASP A 39 26.29 5.58 1.45
N SER A 40 26.47 4.28 1.67
CA SER A 40 26.87 3.74 2.97
C SER A 40 28.05 2.81 2.81
N TYR A 41 28.88 2.77 3.87
CA TYR A 41 30.10 1.98 3.89
C TYR A 41 30.33 1.47 5.30
N ARG A 42 30.94 0.29 5.40
CA ARG A 42 31.39 -0.29 6.66
C ARG A 42 32.88 -0.56 6.56
N LYS A 43 33.62 -0.26 7.63
CA LYS A 43 35.05 -0.55 7.70
C LYS A 43 35.45 -0.83 9.13
N GLN A 44 36.23 -1.89 9.34
CA GLN A 44 36.73 -2.22 10.66
C GLN A 44 38.12 -1.60 10.84
N VAL A 45 38.28 -0.82 11.92
CA VAL A 45 39.51 -0.11 12.22
C VAL A 45 39.90 -0.39 13.66
N VAL A 46 41.12 -0.02 14.00
CA VAL A 46 41.60 -0.02 15.39
C VAL A 46 41.98 1.41 15.72
N ILE A 47 41.31 1.99 16.70
CA ILE A 47 41.55 3.37 17.12
C ILE A 47 41.90 3.36 18.60
N ASP A 48 43.10 3.84 18.93
CA ASP A 48 43.58 3.86 20.31
C ASP A 48 43.51 2.47 20.93
N GLY A 49 43.96 1.47 20.16
CA GLY A 49 43.96 0.11 20.65
C GLY A 49 42.62 -0.56 20.73
N GLU A 50 41.53 0.14 20.41
CA GLU A 50 40.17 -0.42 20.47
C GLU A 50 39.66 -0.65 19.05
N THR A 51 39.24 -1.89 18.77
CA THR A 51 38.72 -2.26 17.46
C THR A 51 37.28 -1.78 17.30
N SER A 52 36.97 -1.17 16.16
CA SER A 52 35.63 -0.66 15.96
C SER A 52 35.18 -0.84 14.52
N LEU A 53 33.87 -1.01 14.33
CA LEU A 53 33.24 -0.97 13.01
C LEU A 53 32.68 0.43 12.79
N LEU A 54 33.13 1.08 11.73
CA LEU A 54 32.61 2.38 11.36
C LEU A 54 31.53 2.17 10.30
N ASP A 55 30.31 2.60 10.61
CA ASP A 55 29.21 2.64 9.63
C ASP A 55 29.14 4.07 9.14
N ILE A 56 29.58 4.31 7.92
CA ILE A 56 29.72 5.67 7.42
C ILE A 56 28.60 5.97 6.44
N LEU A 57 27.84 7.02 6.73
CA LEU A 57 26.77 7.49 5.85
C LEU A 57 27.27 8.72 5.12
N ASP A 58 27.45 8.60 3.80
CA ASP A 58 27.91 9.69 2.95
C ASP A 58 26.67 10.37 2.36
N THR A 59 26.37 11.59 2.83
CA THR A 59 25.15 12.28 2.41
C THR A 59 25.45 13.21 1.24
N ALA A 60 24.39 13.59 0.55
CA ALA A 60 24.48 14.58 -0.51
C ALA A 60 24.45 15.97 0.09
N GLY A 61 25.23 16.89 -0.49
CA GLY A 61 25.08 18.29 -0.16
C GLY A 61 23.87 18.87 -0.84
N GLN A 62 22.71 18.82 -0.18
CA GLN A 62 21.49 19.35 -0.74
C GLN A 62 20.67 19.94 0.39
N GLU A 63 19.80 20.88 0.04
CA GLU A 63 19.00 21.56 1.04
C GLU A 63 17.52 21.57 0.66
N GLU A 64 17.06 20.51 -0.01
CA GLU A 64 15.65 20.41 -0.40
C GLU A 64 14.86 19.34 0.33
N TYR A 65 15.52 18.40 1.01
CA TYR A 65 14.87 17.21 1.58
C TYR A 65 15.14 17.17 3.08
N SER A 66 14.32 17.89 3.83
CA SER A 66 14.55 18.08 5.26
C SER A 66 14.17 16.84 6.07
N ALA A 67 13.18 16.07 5.63
CA ALA A 67 12.77 14.89 6.39
C ALA A 67 13.81 13.78 6.30
N MET A 68 14.46 13.64 5.16
CA MET A 68 15.59 12.71 5.09
C MET A 68 16.77 13.24 5.88
N ARG A 69 17.07 14.53 5.75
CA ARG A 69 18.14 15.13 6.54
C ARG A 69 17.94 14.87 8.03
N ASP A 70 16.72 15.13 8.53
CA ASP A 70 16.46 14.96 9.95
C ASP A 70 16.71 13.52 10.41
N GLN A 71 16.30 12.53 9.62
CA GLN A 71 16.51 11.14 10.03
C GLN A 71 18.01 10.81 10.05
N TYR A 72 18.77 11.34 9.10
CA TYR A 72 20.21 11.18 9.13
C TYR A 72 20.80 11.68 10.44
N MET A 73 20.33 12.85 10.89
CA MET A 73 20.85 13.43 12.10
C MET A 73 20.35 12.71 13.33
N ARG A 74 19.11 12.19 13.32
CA ARG A 74 18.63 11.42 14.47
C ARG A 74 19.48 10.17 14.69
N THR A 75 19.76 9.42 13.62
CA THR A 75 20.49 8.16 13.72
C THR A 75 21.99 8.35 13.94
N GLY A 76 22.58 9.40 13.39
CA GLY A 76 24.02 9.54 13.48
C GLY A 76 24.48 9.78 14.91
N GLU A 77 25.61 9.15 15.27
CA GLU A 77 26.22 9.41 16.58
C GLU A 77 27.28 10.49 16.53
N GLY A 78 27.87 10.74 15.37
CA GLY A 78 28.84 11.80 15.21
C GLY A 78 28.84 12.27 13.78
N PHE A 79 29.27 13.51 13.56
CA PHE A 79 29.12 14.17 12.27
C PHE A 79 30.43 14.85 11.89
N LEU A 80 30.87 14.63 10.65
CA LEU A 80 31.92 15.43 10.05
C LEU A 80 31.25 16.60 9.35
N LEU A 81 31.64 17.81 9.72
CA LEU A 81 31.18 19.04 9.10
C LEU A 81 32.26 19.46 8.12
N VAL A 82 32.06 19.16 6.83
CA VAL A 82 33.10 19.36 5.82
C VAL A 82 32.83 20.64 5.03
N PHE A 83 33.84 21.49 4.93
CA PHE A 83 33.83 22.60 3.98
C PHE A 83 35.11 22.49 3.17
N ALA A 84 35.22 23.30 2.12
CA ALA A 84 36.38 23.31 1.24
C ALA A 84 37.11 24.64 1.39
N ILE A 85 38.44 24.58 1.46
CA ILE A 85 39.21 25.77 1.79
C ILE A 85 39.23 26.77 0.66
N ASN A 86 38.74 26.39 -0.52
CA ASN A 86 38.57 27.28 -1.65
C ASN A 86 37.10 27.53 -1.99
N ASN A 87 36.20 27.29 -1.03
CA ASN A 87 34.77 27.55 -1.19
C ASN A 87 34.30 28.30 0.05
N THR A 88 34.27 29.63 -0.05
CA THR A 88 33.89 30.45 1.10
C THR A 88 32.46 30.18 1.54
N LYS A 89 31.54 30.01 0.59
CA LYS A 89 30.16 29.72 0.95
C LYS A 89 30.06 28.41 1.74
N SER A 90 30.85 27.41 1.38
CA SER A 90 30.74 26.14 2.12
C SER A 90 31.15 26.32 3.56
N PHE A 91 32.05 27.27 3.84
CA PHE A 91 32.42 27.57 5.22
C PHE A 91 31.31 28.37 5.90
N GLU A 92 30.70 29.32 5.18
CA GLU A 92 29.55 30.04 5.72
C GLU A 92 28.35 29.14 5.96
N ASP A 93 28.30 27.97 5.31
CA ASP A 93 27.22 27.00 5.53
C ASP A 93 27.36 26.22 6.83
N ILE A 94 28.56 26.15 7.39
CA ILE A 94 28.83 25.20 8.46
C ILE A 94 27.88 25.40 9.64
N HIS A 95 27.68 26.66 10.03
CA HIS A 95 26.87 26.92 11.22
C HIS A 95 25.46 26.41 11.05
N HIS A 96 24.94 26.42 9.81
CA HIS A 96 23.61 25.87 9.56
C HIS A 96 23.58 24.38 9.89
N TYR A 97 24.63 23.65 9.52
CA TYR A 97 24.63 22.22 9.81
C TYR A 97 24.65 21.96 11.31
N ARG A 98 25.51 22.68 12.06
CA ARG A 98 25.55 22.45 13.50
C ARG A 98 24.23 22.83 14.15
N GLU A 99 23.59 23.89 13.67
CA GLU A 99 22.31 24.30 14.21
C GLU A 99 21.24 23.23 14.00
N GLN A 100 21.17 22.65 12.79
CA GLN A 100 20.19 21.62 12.50
C GLN A 100 20.46 20.36 13.30
N ILE A 101 21.73 19.99 13.46
CA ILE A 101 22.08 18.77 14.21
C ILE A 101 21.66 18.92 15.67
N LYS A 102 21.98 20.06 16.28
CA LYS A 102 21.58 20.31 17.66
C LYS A 102 20.07 20.32 17.82
N ARG A 103 19.36 20.85 16.83
CA ARG A 103 17.89 20.90 16.90
C ARG A 103 17.29 19.52 16.83
N VAL A 104 17.67 18.73 15.82
CA VAL A 104 17.11 17.39 15.62
C VAL A 104 17.43 16.51 16.83
N LYS A 105 18.64 16.61 17.33
CA LYS A 105 19.10 15.83 18.46
C LYS A 105 18.66 16.40 19.80
N ASP A 106 18.11 17.63 19.82
CA ASP A 106 17.69 18.30 21.03
C ASP A 106 18.80 18.28 22.09
N SER A 107 19.97 18.76 21.68
CA SER A 107 21.13 18.74 22.56
C SER A 107 22.10 19.86 22.21
N GLU A 108 22.78 20.38 23.25
CA GLU A 108 23.88 21.31 23.05
C GLU A 108 25.19 20.60 22.73
N ASP A 109 25.26 19.29 22.97
CA ASP A 109 26.52 18.55 22.96
C ASP A 109 26.37 17.32 22.07
N VAL A 110 26.76 17.46 20.80
CA VAL A 110 26.70 16.38 19.82
C VAL A 110 28.07 16.18 19.25
N PRO A 111 28.60 14.94 19.19
CA PRO A 111 29.93 14.72 18.62
C PRO A 111 30.04 15.23 17.18
N MET A 112 30.98 16.14 16.96
CA MET A 112 31.19 16.75 15.65
C MET A 112 32.67 17.09 15.49
N VAL A 113 33.12 17.12 14.23
CA VAL A 113 34.48 17.55 13.90
C VAL A 113 34.38 18.45 12.69
N LEU A 114 35.08 19.57 12.71
CA LEU A 114 35.13 20.48 11.58
C LEU A 114 36.26 20.04 10.65
N VAL A 115 35.93 19.87 9.37
CA VAL A 115 36.87 19.37 8.38
C VAL A 115 37.06 20.42 7.30
N GLY A 116 38.29 20.93 7.18
CA GLY A 116 38.65 21.85 6.09
C GLY A 116 39.36 21.11 4.99
N ASN A 117 38.65 20.78 3.91
CA ASN A 117 39.15 19.86 2.89
C ASN A 117 39.69 20.62 1.67
N LYS A 118 40.36 19.86 0.79
CA LYS A 118 41.07 20.39 -0.39
C LYS A 118 42.24 21.29 0.00
N SER A 119 42.91 20.95 1.11
CA SER A 119 44.06 21.72 1.60
C SER A 119 45.26 21.64 0.67
N ASP A 120 45.22 20.79 -0.36
CA ASP A 120 46.26 20.72 -1.37
C ASP A 120 46.18 21.85 -2.40
N LEU A 121 45.11 22.57 -2.43
CA LEU A 121 44.93 23.41 -3.60
C LEU A 121 45.53 24.80 -3.38
N PRO A 122 46.02 25.42 -4.45
CA PRO A 122 46.61 26.75 -4.34
C PRO A 122 45.61 27.90 -4.35
N SER A 123 44.32 27.63 -4.23
CA SER A 123 43.28 28.63 -4.48
C SER A 123 42.50 28.97 -3.22
N ARG A 124 43.19 28.98 -2.07
CA ARG A 124 42.54 29.15 -0.79
C ARG A 124 41.76 30.46 -0.71
N THR A 125 40.53 30.38 -0.19
CA THR A 125 39.73 31.56 0.13
C THR A 125 39.32 31.64 1.58
N VAL A 126 39.47 30.57 2.35
CA VAL A 126 39.14 30.55 3.77
C VAL A 126 40.44 30.39 4.54
N ASP A 127 40.78 31.36 5.38
CA ASP A 127 42.02 31.16 6.11
C ASP A 127 41.76 30.27 7.32
N THR A 128 42.80 29.52 7.72
CA THR A 128 42.60 28.49 8.73
C THR A 128 42.33 29.10 10.10
N LYS A 129 42.84 30.31 10.37
CA LYS A 129 42.51 30.96 11.63
C LYS A 129 41.01 31.14 11.80
N GLN A 130 40.31 31.48 10.72
CA GLN A 130 38.85 31.55 10.77
C GLN A 130 38.25 30.24 11.22
N ALA A 131 38.69 29.14 10.59
CA ALA A 131 38.15 27.83 10.91
C ALA A 131 38.57 27.37 12.31
N GLN A 132 39.82 27.65 12.68
CA GLN A 132 40.27 27.33 14.03
C GLN A 132 39.42 28.06 15.07
N ASP A 133 39.14 29.35 14.84
CA ASP A 133 38.35 30.13 15.78
C ASP A 133 36.91 29.64 15.85
N LEU A 134 36.36 29.24 14.71
CA LEU A 134 34.99 28.75 14.73
C LEU A 134 34.90 27.45 15.54
N ALA A 135 35.80 26.50 15.24
CA ALA A 135 35.80 25.22 15.96
C ALA A 135 35.98 25.44 17.46
N ARG A 136 36.85 26.38 17.83
CA ARG A 136 37.02 26.72 19.23
C ARG A 136 35.71 27.24 19.83
N SER A 137 35.02 28.11 19.09
CA SER A 137 33.73 28.62 19.57
C SER A 137 32.72 27.51 19.75
N TYR A 138 32.86 26.41 19.01
CA TYR A 138 32.01 25.25 19.17
C TYR A 138 32.53 24.26 20.21
N GLY A 139 33.78 24.40 20.63
CA GLY A 139 34.40 23.37 21.44
C GLY A 139 34.61 22.04 20.73
N ILE A 140 34.84 22.05 19.43
CA ILE A 140 35.06 20.82 18.67
C ILE A 140 36.41 20.89 18.00
N PRO A 141 36.97 19.75 17.60
CA PRO A 141 38.22 19.75 16.86
C PRO A 141 38.06 20.29 15.44
N PHE A 142 39.17 20.80 14.91
CA PHE A 142 39.29 21.22 13.52
C PHE A 142 40.44 20.45 12.90
N ILE A 143 40.19 19.82 11.76
CA ILE A 143 41.16 18.95 11.09
C ILE A 143 41.30 19.43 9.66
N GLU A 144 42.52 19.68 9.22
CA GLU A 144 42.78 20.01 7.83
C GLU A 144 43.03 18.75 7.02
N THR A 145 42.30 18.60 5.91
CA THR A 145 42.35 17.37 5.13
C THR A 145 42.61 17.69 3.67
N SER A 146 43.14 16.70 2.96
CA SER A 146 43.08 16.65 1.51
C SER A 146 42.75 15.22 1.11
N ALA A 147 41.57 15.01 0.53
CA ALA A 147 41.27 13.69 -0.05
C ALA A 147 42.25 13.31 -1.16
N LYS A 148 42.90 14.28 -1.79
CA LYS A 148 43.78 13.95 -2.89
C LYS A 148 45.14 13.43 -2.42
N THR A 149 45.69 14.03 -1.36
CA THR A 149 46.98 13.59 -0.84
C THR A 149 46.84 12.63 0.35
N ARG A 150 45.63 12.44 0.86
CA ARG A 150 45.26 11.64 2.02
C ARG A 150 45.65 12.33 3.33
N GLN A 151 46.24 13.53 3.27
CA GLN A 151 46.55 14.27 4.48
C GLN A 151 45.28 14.42 5.34
N GLY A 152 45.39 14.04 6.62
CA GLY A 152 44.33 14.29 7.58
C GLY A 152 43.12 13.40 7.49
N VAL A 153 43.07 12.48 6.52
CA VAL A 153 41.85 11.70 6.29
C VAL A 153 41.55 10.77 7.47
N ASP A 154 42.49 9.88 7.81
CA ASP A 154 42.30 9.04 8.99
C ASP A 154 42.05 9.91 10.22
N ASP A 155 42.80 10.99 10.33
CA ASP A 155 42.70 11.89 11.48
C ASP A 155 41.27 12.37 11.68
N ALA A 156 40.61 12.77 10.59
CA ALA A 156 39.26 13.30 10.70
C ALA A 156 38.29 12.27 11.26
N PHE A 157 38.31 11.07 10.70
CA PHE A 157 37.37 10.04 11.13
C PHE A 157 37.72 9.52 12.53
N TYR A 158 39.00 9.29 12.80
CA TYR A 158 39.39 8.79 14.12
C TYR A 158 39.09 9.81 15.20
N THR A 159 39.37 11.08 14.92
CA THR A 159 39.04 12.13 15.89
C THR A 159 37.54 12.15 16.16
N LEU A 160 36.73 11.98 15.13
CA LEU A 160 35.28 11.91 15.34
C LEU A 160 34.92 10.75 16.26
N VAL A 161 35.59 9.62 16.13
CA VAL A 161 35.31 8.49 17.01
C VAL A 161 35.70 8.84 18.45
N ARG A 162 36.84 9.50 18.63
CA ARG A 162 37.24 9.90 19.98
C ARG A 162 36.23 10.86 20.60
N GLU A 163 35.70 11.80 19.79
CA GLU A 163 34.66 12.68 20.29
C GLU A 163 33.40 11.91 20.70
N ILE A 164 33.04 10.88 19.92
CA ILE A 164 31.90 10.05 20.33
C ILE A 164 32.20 9.37 21.65
N ARG A 165 33.39 8.78 21.76
CA ARG A 165 33.76 8.11 23.00
C ARG A 165 33.77 9.10 24.18
N LYS A 166 34.28 10.31 23.97
CA LYS A 166 34.30 11.30 25.06
C LYS A 166 32.89 11.69 25.46
N HIS A 167 31.98 11.79 24.49
CA HIS A 167 30.59 12.12 24.78
C HIS A 167 29.92 11.02 25.59
N LYS A 168 30.22 9.75 25.29
CA LYS A 168 29.60 8.63 26.00
C LYS A 168 29.98 8.59 27.47
N GLU A 169 31.13 9.16 27.85
CA GLU A 169 31.53 9.18 29.26
C GLU A 169 30.64 10.08 30.11
N LYS A 170 30.02 11.09 29.51
CA LYS A 170 29.30 12.08 30.29
C LYS A 170 28.07 11.47 30.99
N SER B 1 -36.24 -47.28 -10.17
CA SER B 1 -34.96 -46.72 -9.73
C SER B 1 -35.15 -45.29 -9.23
N MET B 2 -34.05 -44.60 -8.95
CA MET B 2 -34.14 -43.19 -8.65
C MET B 2 -32.93 -42.48 -9.23
N THR B 3 -32.94 -41.16 -9.11
CA THR B 3 -31.91 -40.28 -9.62
C THR B 3 -31.55 -39.30 -8.51
N GLU B 4 -30.46 -38.57 -8.73
CA GLU B 4 -29.98 -37.60 -7.75
C GLU B 4 -29.56 -36.33 -8.49
N TYR B 5 -29.84 -35.17 -7.89
CA TYR B 5 -29.53 -33.89 -8.52
C TYR B 5 -28.89 -32.95 -7.50
N LYS B 6 -27.79 -32.29 -7.89
CA LYS B 6 -27.13 -31.29 -7.06
C LYS B 6 -27.65 -29.93 -7.51
N LEU B 7 -28.54 -29.35 -6.71
CA LEU B 7 -29.11 -28.03 -6.97
C LEU B 7 -28.41 -26.99 -6.12
N VAL B 8 -28.12 -25.82 -6.71
CA VAL B 8 -27.43 -24.75 -6.01
C VAL B 8 -28.31 -23.51 -6.04
N VAL B 9 -28.57 -22.93 -4.86
CA VAL B 9 -29.40 -21.74 -4.73
C VAL B 9 -28.48 -20.54 -4.60
N VAL B 10 -28.56 -19.58 -5.55
CA VAL B 10 -27.73 -18.38 -5.55
C VAL B 10 -28.57 -17.11 -5.71
N GLY B 11 -27.95 -15.98 -5.42
CA GLY B 11 -28.62 -14.69 -5.47
C GLY B 11 -28.19 -13.79 -4.33
N ALA B 12 -28.53 -12.49 -4.47
CA ALA B 12 -28.04 -11.48 -3.54
C ALA B 12 -28.47 -11.79 -2.11
N CYS B 13 -27.79 -11.17 -1.16
CA CYS B 13 -28.11 -11.41 0.23
C CYS B 13 -29.51 -10.94 0.57
N GLY B 14 -30.19 -11.70 1.43
CA GLY B 14 -31.51 -11.35 1.93
C GLY B 14 -32.68 -11.63 1.01
N VAL B 15 -32.46 -12.20 -0.18
CA VAL B 15 -33.58 -12.36 -1.10
C VAL B 15 -34.52 -13.49 -0.70
N GLY B 16 -34.08 -14.39 0.17
CA GLY B 16 -34.89 -15.51 0.59
C GLY B 16 -34.42 -16.85 0.08
N LYS B 17 -33.15 -16.99 -0.30
CA LYS B 17 -32.60 -18.29 -0.70
C LYS B 17 -32.83 -19.33 0.38
N SER B 18 -32.50 -18.98 1.63
CA SER B 18 -32.61 -19.91 2.73
C SER B 18 -34.06 -20.20 3.10
N ALA B 19 -34.91 -19.17 3.14
CA ALA B 19 -36.30 -19.43 3.49
C ALA B 19 -36.99 -20.31 2.45
N LEU B 20 -36.60 -20.18 1.19
CA LEU B 20 -37.14 -21.07 0.15
C LEU B 20 -36.69 -22.51 0.40
N THR B 21 -35.42 -22.71 0.68
CA THR B 21 -34.90 -24.05 0.94
C THR B 21 -35.55 -24.66 2.17
N ILE B 22 -35.71 -23.88 3.25
CA ILE B 22 -36.25 -24.43 4.48
C ILE B 22 -37.72 -24.80 4.32
N GLN B 23 -38.46 -24.02 3.52
CA GLN B 23 -39.84 -24.40 3.21
C GLN B 23 -39.87 -25.72 2.44
N LEU B 24 -39.00 -25.86 1.44
CA LEU B 24 -38.96 -27.12 0.71
C LEU B 24 -38.60 -28.26 1.63
N ILE B 25 -37.59 -28.06 2.48
CA ILE B 25 -37.06 -29.14 3.31
C ILE B 25 -37.90 -29.34 4.57
N GLN B 26 -38.16 -28.26 5.31
CA GLN B 26 -38.72 -28.37 6.65
C GLN B 26 -40.18 -27.92 6.74
N ASN B 27 -40.78 -27.44 5.66
CA ASN B 27 -42.21 -27.11 5.61
C ASN B 27 -42.60 -26.08 6.67
N HIS B 28 -41.80 -25.03 6.82
CA HIS B 28 -42.18 -23.91 7.67
C HIS B 28 -41.38 -22.68 7.31
N PHE B 29 -41.83 -21.53 7.82
CA PHE B 29 -41.24 -20.23 7.54
C PHE B 29 -41.13 -19.46 8.84
N VAL B 30 -40.02 -18.76 9.04
CA VAL B 30 -39.89 -17.82 10.16
C VAL B 30 -39.38 -16.49 9.63
N ASP B 31 -39.82 -15.41 10.29
CA ASP B 31 -39.43 -14.06 9.88
C ASP B 31 -37.99 -13.73 10.24
N GLU B 32 -37.41 -14.40 11.24
CA GLU B 32 -36.09 -14.02 11.72
C GLU B 32 -35.04 -14.33 10.66
N TYR B 33 -34.12 -13.38 10.46
CA TYR B 33 -33.09 -13.51 9.44
C TYR B 33 -31.86 -14.14 10.07
N ASP B 34 -31.46 -15.30 9.57
CA ASP B 34 -30.25 -16.00 10.00
C ASP B 34 -29.29 -16.04 8.82
N PRO B 35 -28.40 -15.05 8.69
CA PRO B 35 -27.57 -14.96 7.48
C PRO B 35 -26.68 -16.19 7.28
N THR B 36 -26.67 -16.67 6.04
CA THR B 36 -26.01 -17.93 5.72
C THR B 36 -24.50 -17.77 5.55
N ILE B 37 -23.76 -18.77 6.03
CA ILE B 37 -22.38 -18.97 5.59
C ILE B 37 -22.42 -20.00 4.48
N GLU B 38 -22.83 -21.22 4.82
CA GLU B 38 -23.10 -22.25 3.82
C GLU B 38 -23.88 -23.38 4.50
N ASP B 39 -24.88 -23.92 3.80
CA ASP B 39 -25.69 -25.01 4.33
C ASP B 39 -26.08 -25.97 3.23
N SER B 40 -26.25 -27.24 3.60
CA SER B 40 -26.55 -28.32 2.66
C SER B 40 -27.72 -29.14 3.18
N TYR B 41 -28.58 -29.58 2.26
CA TYR B 41 -29.71 -30.40 2.65
C TYR B 41 -29.91 -31.52 1.65
N ARG B 42 -30.56 -32.58 2.09
CA ARG B 42 -30.90 -33.71 1.23
C ARG B 42 -32.39 -33.97 1.43
N LYS B 43 -33.11 -34.15 0.32
CA LYS B 43 -34.52 -34.51 0.43
C LYS B 43 -34.91 -35.46 -0.70
N GLN B 44 -35.68 -36.48 -0.36
CA GLN B 44 -36.24 -37.37 -1.37
C GLN B 44 -37.63 -36.86 -1.78
N VAL B 45 -37.85 -36.77 -3.09
CA VAL B 45 -39.10 -36.29 -3.67
C VAL B 45 -39.49 -37.21 -4.81
N VAL B 46 -40.77 -37.15 -5.18
CA VAL B 46 -41.30 -37.75 -6.40
C VAL B 46 -41.72 -36.61 -7.32
N ILE B 47 -41.09 -36.52 -8.49
CA ILE B 47 -41.41 -35.49 -9.48
C ILE B 47 -41.82 -36.19 -10.77
N ASP B 48 -43.08 -36.00 -11.17
CA ASP B 48 -43.63 -36.62 -12.37
C ASP B 48 -43.49 -38.13 -12.32
N GLY B 49 -43.78 -38.72 -11.17
CA GLY B 49 -43.71 -40.15 -11.02
C GLY B 49 -42.33 -40.75 -10.87
N GLU B 50 -41.27 -39.94 -10.97
CA GLU B 50 -39.89 -40.41 -10.87
C GLU B 50 -39.31 -39.97 -9.53
N THR B 51 -38.80 -40.92 -8.75
CA THR B 51 -38.23 -40.60 -7.44
C THR B 51 -36.84 -40.04 -7.60
N SER B 52 -36.55 -38.94 -6.90
CA SER B 52 -35.21 -38.37 -6.97
C SER B 52 -34.76 -37.88 -5.61
N LEU B 53 -33.45 -37.92 -5.39
CA LEU B 53 -32.83 -37.32 -4.21
C LEU B 53 -32.28 -35.96 -4.60
N LEU B 54 -32.75 -34.92 -3.91
CA LEU B 54 -32.29 -33.56 -4.15
C LEU B 54 -31.21 -33.20 -3.13
N ASP B 55 -30.03 -32.85 -3.62
CA ASP B 55 -28.95 -32.34 -2.78
C ASP B 55 -28.95 -30.84 -2.99
N ILE B 56 -29.26 -30.09 -1.94
CA ILE B 56 -29.47 -28.65 -2.08
C ILE B 56 -28.33 -27.92 -1.38
N LEU B 57 -27.64 -27.07 -2.14
CA LEU B 57 -26.60 -26.21 -1.61
C LEU B 57 -27.20 -24.80 -1.49
N ASP B 58 -27.35 -24.35 -0.25
CA ASP B 58 -27.83 -23.01 0.10
C ASP B 58 -26.61 -22.13 0.28
N THR B 59 -26.34 -21.26 -0.69
CA THR B 59 -25.16 -20.40 -0.67
C THR B 59 -25.48 -19.05 -0.07
N ALA B 60 -24.45 -18.37 0.39
CA ALA B 60 -24.58 -17.00 0.89
C ALA B 60 -24.55 -16.02 -0.26
N GLY B 61 -25.36 -14.97 -0.15
CA GLY B 61 -25.28 -13.83 -1.04
C GLY B 61 -24.09 -12.98 -0.67
N GLN B 62 -22.95 -13.20 -1.32
CA GLN B 62 -21.72 -12.47 -1.05
C GLN B 62 -20.93 -12.42 -2.34
N GLU B 63 -20.07 -11.42 -2.47
CA GLU B 63 -19.26 -11.26 -3.67
C GLU B 63 -17.79 -11.04 -3.32
N GLU B 64 -17.34 -11.70 -2.25
CA GLU B 64 -15.95 -11.58 -1.82
C GLU B 64 -15.15 -12.87 -1.99
N TYR B 65 -15.80 -14.01 -2.22
CA TYR B 65 -15.11 -15.32 -2.18
C TYR B 65 -15.37 -16.05 -3.50
N SER B 66 -14.59 -15.69 -4.52
CA SER B 66 -14.85 -16.17 -5.87
C SER B 66 -14.38 -17.60 -6.09
N ALA B 67 -13.32 -18.04 -5.40
CA ALA B 67 -12.86 -19.42 -5.57
C ALA B 67 -13.88 -20.41 -4.99
N MET B 68 -14.52 -20.06 -3.88
CA MET B 68 -15.58 -20.90 -3.34
C MET B 68 -16.81 -20.88 -4.23
N ARG B 69 -17.23 -19.67 -4.63
CA ARG B 69 -18.32 -19.52 -5.58
C ARG B 69 -18.07 -20.36 -6.82
N ASP B 70 -16.85 -20.29 -7.36
CA ASP B 70 -16.51 -21.03 -8.58
C ASP B 70 -16.65 -22.53 -8.35
N GLN B 71 -16.24 -23.02 -7.19
CA GLN B 71 -16.36 -24.45 -6.97
C GLN B 71 -17.82 -24.86 -6.81
N TYR B 72 -18.64 -23.99 -6.21
CA TYR B 72 -20.09 -24.24 -6.17
C TYR B 72 -20.62 -24.44 -7.58
N MET B 73 -20.22 -23.57 -8.49
CA MET B 73 -20.75 -23.62 -9.83
C MET B 73 -20.21 -24.80 -10.63
N ARG B 74 -18.99 -25.25 -10.34
CA ARG B 74 -18.47 -26.40 -11.08
C ARG B 74 -19.23 -27.67 -10.73
N THR B 75 -19.60 -27.82 -9.45
CA THR B 75 -20.24 -29.04 -8.95
C THR B 75 -21.74 -29.04 -9.20
N GLY B 76 -22.35 -27.86 -9.25
CA GLY B 76 -23.80 -27.79 -9.37
C GLY B 76 -24.26 -28.27 -10.73
N GLU B 77 -25.39 -28.99 -10.72
CA GLU B 77 -26.03 -29.39 -11.96
C GLU B 77 -27.13 -28.45 -12.40
N GLY B 78 -27.76 -27.76 -11.46
CA GLY B 78 -28.83 -26.81 -11.77
C GLY B 78 -28.76 -25.69 -10.77
N PHE B 79 -29.27 -24.52 -11.16
CA PHE B 79 -29.15 -23.34 -10.33
C PHE B 79 -30.47 -22.59 -10.24
N LEU B 80 -30.90 -22.27 -9.02
CA LEU B 80 -31.99 -21.32 -8.79
C LEU B 80 -31.37 -19.93 -8.65
N LEU B 81 -31.71 -19.03 -9.57
CA LEU B 81 -31.27 -17.63 -9.53
C LEU B 81 -32.37 -16.84 -8.85
N VAL B 82 -32.18 -16.48 -7.58
CA VAL B 82 -33.24 -15.86 -6.78
C VAL B 82 -33.00 -14.36 -6.70
N PHE B 83 -34.05 -13.59 -6.95
CA PHE B 83 -34.11 -12.17 -6.57
C PHE B 83 -35.38 -11.94 -5.77
N ALA B 84 -35.45 -10.77 -5.12
CA ALA B 84 -36.64 -10.38 -4.37
C ALA B 84 -37.39 -9.31 -5.14
N ILE B 85 -38.73 -9.47 -5.20
CA ILE B 85 -39.51 -8.54 -6.01
C ILE B 85 -39.49 -7.13 -5.44
N ASN B 86 -39.08 -6.96 -4.18
CA ASN B 86 -38.97 -5.65 -3.57
C ASN B 86 -37.53 -5.18 -3.42
N ASN B 87 -36.61 -5.73 -4.23
CA ASN B 87 -35.18 -5.43 -4.14
C ASN B 87 -34.67 -5.28 -5.57
N THR B 88 -34.66 -4.03 -6.07
CA THR B 88 -34.24 -3.81 -7.45
C THR B 88 -32.82 -4.26 -7.68
N LYS B 89 -31.93 -4.01 -6.72
CA LYS B 89 -30.54 -4.37 -6.91
C LYS B 89 -30.37 -5.87 -7.10
N SER B 90 -31.13 -6.67 -6.31
CA SER B 90 -31.03 -8.12 -6.45
C SER B 90 -31.46 -8.56 -7.83
N PHE B 91 -32.44 -7.88 -8.44
CA PHE B 91 -32.78 -8.20 -9.81
C PHE B 91 -31.68 -7.78 -10.76
N GLU B 92 -31.04 -6.62 -10.50
CA GLU B 92 -29.94 -6.16 -11.32
C GLU B 92 -28.72 -7.05 -11.19
N ASP B 93 -28.63 -7.85 -10.12
CA ASP B 93 -27.51 -8.77 -9.95
C ASP B 93 -27.67 -10.07 -10.73
N ILE B 94 -28.87 -10.35 -11.25
CA ILE B 94 -29.14 -11.66 -11.82
C ILE B 94 -28.18 -11.98 -12.97
N HIS B 95 -27.97 -11.02 -13.88
CA HIS B 95 -27.16 -11.31 -15.07
C HIS B 95 -25.73 -11.69 -14.69
N HIS B 96 -25.20 -11.14 -13.60
CA HIS B 96 -23.86 -11.52 -13.15
C HIS B 96 -23.81 -12.99 -12.71
N TYR B 97 -24.87 -13.49 -12.07
CA TYR B 97 -24.89 -14.89 -11.69
C TYR B 97 -24.91 -15.79 -12.93
N ARG B 98 -25.76 -15.46 -13.92
CA ARG B 98 -25.80 -16.26 -15.13
C ARG B 98 -24.47 -16.22 -15.85
N GLU B 99 -23.84 -15.03 -15.91
CA GLU B 99 -22.59 -14.91 -16.64
C GLU B 99 -21.47 -15.70 -15.97
N GLN B 100 -21.47 -15.74 -14.63
CA GLN B 100 -20.41 -16.47 -13.93
C GLN B 100 -20.61 -17.97 -14.02
N ILE B 101 -21.85 -18.44 -13.94
CA ILE B 101 -22.12 -19.87 -14.12
C ILE B 101 -21.71 -20.34 -15.51
N LYS B 102 -21.98 -19.53 -16.54
CA LYS B 102 -21.57 -19.89 -17.89
C LYS B 102 -20.05 -19.89 -18.04
N ARG B 103 -19.37 -18.95 -17.40
CA ARG B 103 -17.92 -18.89 -17.50
C ARG B 103 -17.30 -20.11 -16.82
N VAL B 104 -17.80 -20.44 -15.63
CA VAL B 104 -17.23 -21.53 -14.82
C VAL B 104 -17.50 -22.88 -15.48
N LYS B 105 -18.70 -23.09 -15.97
CA LYS B 105 -19.04 -24.34 -16.62
C LYS B 105 -18.64 -24.35 -18.10
N ASP B 106 -18.11 -23.24 -18.61
CA ASP B 106 -17.68 -23.12 -20.00
C ASP B 106 -18.77 -23.62 -20.96
N SER B 107 -19.98 -23.10 -20.75
CA SER B 107 -21.15 -23.57 -21.48
C SER B 107 -22.17 -22.44 -21.58
N GLU B 108 -22.86 -22.36 -22.72
CA GLU B 108 -23.98 -21.44 -22.85
C GLU B 108 -25.31 -22.06 -22.45
N ASP B 109 -25.32 -23.35 -22.12
CA ASP B 109 -26.54 -24.13 -21.86
C ASP B 109 -26.40 -24.84 -20.52
N VAL B 110 -26.73 -24.16 -19.44
CA VAL B 110 -26.68 -24.70 -18.09
C VAL B 110 -28.07 -24.65 -17.49
N PRO B 111 -28.58 -25.73 -16.88
CA PRO B 111 -29.92 -25.69 -16.28
C PRO B 111 -30.04 -24.63 -15.20
N MET B 112 -31.01 -23.74 -15.37
CA MET B 112 -31.22 -22.61 -14.47
C MET B 112 -32.69 -22.22 -14.47
N VAL B 113 -33.12 -21.63 -13.36
CA VAL B 113 -34.49 -21.15 -13.20
C VAL B 113 -34.39 -19.80 -12.51
N LEU B 114 -35.12 -18.83 -13.04
CA LEU B 114 -35.19 -17.52 -12.42
C LEU B 114 -36.34 -17.49 -11.42
N VAL B 115 -36.05 -17.09 -10.19
CA VAL B 115 -37.02 -17.10 -9.10
C VAL B 115 -37.21 -15.67 -8.60
N GLY B 116 -38.42 -15.17 -8.70
CA GLY B 116 -38.80 -13.90 -8.10
C GLY B 116 -39.53 -14.14 -6.79
N ASN B 117 -38.82 -13.95 -5.69
CA ASN B 117 -39.32 -14.29 -4.37
C ASN B 117 -39.91 -13.08 -3.63
N LYS B 118 -40.58 -13.37 -2.52
CA LYS B 118 -41.27 -12.40 -1.67
C LYS B 118 -42.53 -11.84 -2.35
N SER B 119 -43.20 -12.67 -3.16
CA SER B 119 -44.37 -12.24 -3.90
C SER B 119 -45.55 -11.86 -3.01
N ASP B 120 -45.53 -12.22 -1.73
CA ASP B 120 -46.60 -11.83 -0.80
C ASP B 120 -46.53 -10.38 -0.38
N LEU B 121 -45.45 -9.73 -0.62
CA LEU B 121 -45.27 -8.41 -0.01
C LEU B 121 -45.91 -7.30 -0.84
N PRO B 122 -46.32 -6.21 -0.19
CA PRO B 122 -46.96 -5.09 -0.90
C PRO B 122 -45.99 -4.03 -1.41
N SER B 123 -44.70 -4.31 -1.39
CA SER B 123 -43.65 -3.31 -1.61
C SER B 123 -42.87 -3.55 -2.90
N ARG B 124 -43.56 -4.02 -3.93
CA ARG B 124 -42.90 -4.45 -5.17
C ARG B 124 -42.16 -3.31 -5.85
N THR B 125 -40.93 -3.58 -6.29
CA THR B 125 -40.16 -2.66 -7.11
C THR B 125 -39.77 -3.24 -8.47
N VAL B 126 -39.86 -4.56 -8.65
CA VAL B 126 -39.52 -5.23 -9.92
C VAL B 126 -40.82 -5.69 -10.57
N ASP B 127 -41.08 -5.21 -11.78
CA ASP B 127 -42.27 -5.63 -12.50
C ASP B 127 -42.17 -7.10 -12.93
N THR B 128 -43.29 -7.82 -12.87
CA THR B 128 -43.31 -9.21 -13.31
C THR B 128 -42.91 -9.35 -14.78
N LYS B 129 -43.40 -8.43 -15.62
CA LYS B 129 -43.03 -8.46 -17.04
C LYS B 129 -41.52 -8.35 -17.23
N GLN B 130 -40.85 -7.47 -16.48
CA GLN B 130 -39.39 -7.37 -16.59
C GLN B 130 -38.73 -8.73 -16.35
N ALA B 131 -39.16 -9.45 -15.31
CA ALA B 131 -38.58 -10.74 -14.99
C ALA B 131 -38.95 -11.79 -16.04
N GLN B 132 -40.21 -11.78 -16.51
CA GLN B 132 -40.60 -12.68 -17.58
C GLN B 132 -39.76 -12.45 -18.83
N ASP B 133 -39.61 -11.19 -19.24
CA ASP B 133 -38.85 -10.89 -20.45
C ASP B 133 -37.38 -11.30 -20.32
N LEU B 134 -36.78 -11.08 -19.14
CA LEU B 134 -35.40 -11.49 -18.93
C LEU B 134 -35.24 -13.00 -19.07
N ALA B 135 -36.07 -13.76 -18.34
CA ALA B 135 -36.02 -15.20 -18.42
C ALA B 135 -36.20 -15.69 -19.86
N ARG B 136 -37.18 -15.12 -20.58
CA ARG B 136 -37.34 -15.45 -21.99
C ARG B 136 -36.05 -15.20 -22.75
N SER B 137 -35.41 -14.04 -22.53
CA SER B 137 -34.17 -13.73 -23.25
C SER B 137 -33.09 -14.75 -22.95
N TYR B 138 -33.12 -15.36 -21.77
CA TYR B 138 -32.18 -16.39 -21.37
C TYR B 138 -32.60 -17.79 -21.83
N GLY B 139 -33.86 -17.96 -22.23
CA GLY B 139 -34.37 -19.26 -22.57
C GLY B 139 -34.66 -20.15 -21.38
N ILE B 140 -34.94 -19.57 -20.22
CA ILE B 140 -35.11 -20.36 -19.00
C ILE B 140 -36.46 -20.03 -18.36
N PRO B 141 -36.94 -20.87 -17.46
CA PRO B 141 -38.22 -20.60 -16.81
C PRO B 141 -38.11 -19.46 -15.80
N PHE B 142 -39.26 -18.84 -15.53
CA PHE B 142 -39.41 -17.87 -14.46
C PHE B 142 -40.58 -18.29 -13.57
N ILE B 143 -40.37 -18.27 -12.25
CA ILE B 143 -41.40 -18.68 -11.31
C ILE B 143 -41.44 -17.66 -10.18
N GLU B 144 -42.65 -17.19 -9.84
CA GLU B 144 -42.84 -16.29 -8.71
C GLU B 144 -43.10 -17.11 -7.45
N THR B 145 -42.42 -16.77 -6.36
CA THR B 145 -42.54 -17.54 -5.13
C THR B 145 -42.77 -16.63 -3.94
N SER B 146 -43.27 -17.25 -2.86
CA SER B 146 -43.21 -16.65 -1.53
C SER B 146 -42.84 -17.77 -0.57
N ALA B 147 -41.66 -17.67 0.05
CA ALA B 147 -41.33 -18.59 1.14
C ALA B 147 -42.28 -18.43 2.33
N LYS B 148 -42.89 -17.26 2.47
CA LYS B 148 -43.78 -17.06 3.61
C LYS B 148 -45.09 -17.82 3.45
N THR B 149 -45.67 -17.82 2.25
CA THR B 149 -46.93 -18.50 2.02
C THR B 149 -46.77 -19.87 1.38
N ARG B 150 -45.56 -20.23 0.97
CA ARG B 150 -45.19 -21.43 0.25
C ARG B 150 -45.64 -21.42 -1.21
N GLN B 151 -46.26 -20.33 -1.68
CA GLN B 151 -46.62 -20.20 -3.09
C GLN B 151 -45.40 -20.45 -3.98
N GLY B 152 -45.52 -21.42 -4.89
CA GLY B 152 -44.53 -21.66 -5.93
C GLY B 152 -43.24 -22.32 -5.48
N VAL B 153 -43.11 -22.69 -4.20
CA VAL B 153 -41.85 -23.25 -3.71
C VAL B 153 -41.56 -24.60 -4.39
N ASP B 154 -42.49 -25.56 -4.26
CA ASP B 154 -42.29 -26.84 -4.95
C ASP B 154 -42.08 -26.63 -6.45
N ASP B 155 -42.90 -25.77 -7.07
CA ASP B 155 -42.79 -25.52 -8.50
C ASP B 155 -41.40 -25.04 -8.87
N ALA B 156 -40.80 -24.20 -8.03
CA ALA B 156 -39.47 -23.65 -8.32
C ALA B 156 -38.44 -24.76 -8.39
N PHE B 157 -38.33 -25.57 -7.34
CA PHE B 157 -37.35 -26.64 -7.36
C PHE B 157 -37.70 -27.73 -8.37
N TYR B 158 -38.99 -28.05 -8.50
CA TYR B 158 -39.35 -29.12 -9.45
C TYR B 158 -39.09 -28.68 -10.88
N THR B 159 -39.35 -27.40 -11.19
CA THR B 159 -39.03 -26.91 -12.54
C THR B 159 -37.53 -27.02 -12.82
N LEU B 160 -36.69 -26.71 -11.83
CA LEU B 160 -35.25 -26.83 -12.04
C LEU B 160 -34.86 -28.27 -12.29
N VAL B 161 -35.41 -29.22 -11.54
CA VAL B 161 -35.15 -30.63 -11.80
C VAL B 161 -35.55 -30.99 -13.23
N ARG B 162 -36.74 -30.54 -13.65
CA ARG B 162 -37.17 -30.78 -15.02
C ARG B 162 -36.18 -30.17 -16.02
N GLU B 163 -35.60 -29.01 -15.70
CA GLU B 163 -34.63 -28.43 -16.61
C GLU B 163 -33.37 -29.28 -16.71
N ILE B 164 -32.93 -29.88 -15.61
CA ILE B 164 -31.78 -30.79 -15.66
C ILE B 164 -32.12 -32.00 -16.50
N ARG B 165 -33.35 -32.50 -16.37
CA ARG B 165 -33.75 -33.68 -17.14
C ARG B 165 -33.84 -33.34 -18.61
N LYS B 166 -34.43 -32.19 -18.95
CA LYS B 166 -34.47 -31.78 -20.36
C LYS B 166 -33.08 -31.51 -20.90
N HIS B 167 -32.17 -31.00 -20.07
CA HIS B 167 -30.81 -30.76 -20.52
C HIS B 167 -30.11 -32.07 -20.87
N LYS B 168 -30.32 -33.10 -20.05
CA LYS B 168 -29.72 -34.39 -20.33
C LYS B 168 -30.32 -35.06 -21.57
N GLU B 169 -31.52 -34.67 -21.98
CA GLU B 169 -32.03 -35.13 -23.28
C GLU B 169 -31.19 -34.56 -24.41
N VAL C 3 -0.38 21.00 -32.95
CA VAL C 3 0.84 21.49 -33.60
C VAL C 3 2.06 21.36 -32.69
N ASN C 4 1.90 20.87 -31.45
CA ASN C 4 3.07 20.63 -30.63
C ASN C 4 3.93 19.53 -31.25
N PRO C 5 5.24 19.69 -31.28
CA PRO C 5 6.09 18.66 -31.89
C PRO C 5 6.11 17.39 -31.06
N THR C 6 6.37 16.27 -31.74
CA THR C 6 6.61 14.96 -31.11
C THR C 6 8.02 14.51 -31.43
N VAL C 7 8.75 14.04 -30.41
CA VAL C 7 10.07 13.45 -30.62
C VAL C 7 10.05 12.01 -30.09
N PHE C 8 10.98 11.21 -30.60
CA PHE C 8 11.09 9.81 -30.20
C PHE C 8 12.48 9.53 -29.66
N PHE C 9 12.55 8.68 -28.64
CA PHE C 9 13.79 8.04 -28.22
C PHE C 9 13.64 6.53 -28.43
N ASP C 10 14.66 5.92 -29.04
CA ASP C 10 14.79 4.47 -29.05
C ASP C 10 15.81 4.11 -28.00
N ILE C 11 15.35 3.44 -26.93
CA ILE C 11 16.13 3.14 -25.74
C ILE C 11 16.82 1.81 -25.93
N ALA C 12 18.06 1.72 -25.45
CA ALA C 12 18.87 0.51 -25.55
C ALA C 12 19.40 0.13 -24.18
N VAL C 13 19.59 -1.16 -23.96
CA VAL C 13 20.15 -1.69 -22.72
C VAL C 13 21.41 -2.42 -23.12
N ASP C 14 22.56 -1.89 -22.71
CA ASP C 14 23.86 -2.44 -23.14
C ASP C 14 23.88 -2.64 -24.65
N GLY C 15 23.28 -1.70 -25.37
CA GLY C 15 23.23 -1.74 -26.82
C GLY C 15 22.05 -2.50 -27.40
N GLU C 16 21.30 -3.27 -26.59
CA GLU C 16 20.18 -4.01 -27.17
C GLU C 16 18.90 -3.19 -27.10
N PRO C 17 18.09 -3.20 -28.17
CA PRO C 17 16.88 -2.38 -28.18
C PRO C 17 15.94 -2.79 -27.06
N LEU C 18 15.50 -1.80 -26.30
CA LEU C 18 14.45 -2.01 -25.32
C LEU C 18 13.08 -1.63 -25.88
N GLY C 19 12.96 -0.43 -26.42
CA GLY C 19 11.73 0.01 -27.04
C GLY C 19 11.79 1.50 -27.29
N ARG C 20 10.67 2.02 -27.80
CA ARG C 20 10.58 3.44 -28.16
C ARG C 20 9.73 4.17 -27.12
N VAL C 21 10.16 5.38 -26.78
CA VAL C 21 9.39 6.34 -25.99
C VAL C 21 9.21 7.57 -26.85
N SER C 22 7.98 8.05 -26.99
CA SER C 22 7.75 9.32 -27.68
C SER C 22 7.24 10.37 -26.70
N PHE C 23 7.48 11.62 -27.02
CA PHE C 23 7.12 12.75 -26.15
C PHE C 23 6.35 13.78 -26.95
N GLU C 24 5.29 14.32 -26.36
CA GLU C 24 4.74 15.59 -26.82
C GLU C 24 5.50 16.73 -26.13
N LEU C 25 5.98 17.69 -26.90
CA LEU C 25 6.69 18.85 -26.37
C LEU C 25 5.75 20.05 -26.34
N PHE C 26 5.64 20.70 -25.19
CA PHE C 26 4.67 21.78 -24.99
C PHE C 26 5.18 23.11 -25.52
N ALA C 27 5.43 23.16 -26.83
CA ALA C 27 5.84 24.42 -27.43
C ALA C 27 4.76 25.47 -27.32
N ASP C 28 3.49 25.07 -27.19
CA ASP C 28 2.43 26.06 -27.05
C ASP C 28 2.55 26.86 -25.76
N LYS C 29 3.12 26.26 -24.70
CA LYS C 29 3.21 26.95 -23.42
C LYS C 29 4.64 27.23 -22.97
N VAL C 30 5.61 26.49 -23.47
CA VAL C 30 7.01 26.60 -23.03
C VAL C 30 7.89 26.56 -24.28
N PRO C 31 7.80 27.56 -25.16
CA PRO C 31 8.39 27.42 -26.50
C PRO C 31 9.90 27.26 -26.53
N LYS C 32 10.64 28.05 -25.74
CA LYS C 32 12.10 27.98 -25.82
C LYS C 32 12.65 26.69 -25.24
N THR C 33 12.07 26.22 -24.14
CA THR C 33 12.53 24.98 -23.53
C THR C 33 12.17 23.78 -24.41
N ALA C 34 10.97 23.79 -25.01
CA ALA C 34 10.60 22.69 -25.91
C ALA C 34 11.50 22.67 -27.15
N GLU C 35 11.91 23.86 -27.64
CA GLU C 35 12.72 23.93 -28.84
C GLU C 35 14.13 23.40 -28.60
N ASN C 36 14.69 23.68 -27.43
CA ASN C 36 15.95 23.09 -27.01
C ASN C 36 15.88 21.56 -27.10
N PHE C 37 14.91 20.97 -26.42
CA PHE C 37 14.79 19.51 -26.40
C PHE C 37 14.53 18.95 -27.79
N ARG C 38 13.69 19.63 -28.57
CA ARG C 38 13.45 19.22 -29.96
C ARG C 38 14.75 19.16 -30.74
N ALA C 39 15.52 20.26 -30.72
CA ALA C 39 16.74 20.35 -31.52
C ALA C 39 17.80 19.37 -31.02
N LEU C 40 17.89 19.19 -29.69
CA LEU C 40 18.82 18.19 -29.16
C LEU C 40 18.43 16.79 -29.60
N SER C 41 17.13 16.56 -29.83
CA SER C 41 16.67 15.24 -30.22
C SER C 41 16.96 14.96 -31.69
N THR C 42 16.88 15.98 -32.54
CA THR C 42 17.22 15.80 -33.95
C THR C 42 18.72 15.82 -34.20
N GLY C 43 19.51 16.42 -33.32
CA GLY C 43 20.91 16.63 -33.57
C GLY C 43 21.24 17.70 -34.60
N GLU C 44 20.27 18.55 -34.96
CA GLU C 44 20.46 19.42 -36.13
C GLU C 44 21.50 20.51 -35.91
N LYS C 45 21.88 20.77 -34.66
CA LYS C 45 22.92 21.75 -34.35
C LYS C 45 24.31 21.13 -34.35
N GLY C 46 24.43 19.82 -34.60
CA GLY C 46 25.70 19.16 -34.56
C GLY C 46 26.06 18.50 -33.24
N PHE C 47 25.15 18.50 -32.28
CA PHE C 47 25.30 17.81 -31.01
C PHE C 47 23.91 17.46 -30.49
N GLY C 48 23.85 16.54 -29.53
CA GLY C 48 22.57 16.26 -28.92
C GLY C 48 22.56 14.91 -28.21
N TYR C 49 21.35 14.39 -28.04
CA TYR C 49 21.09 13.28 -27.12
C TYR C 49 21.50 11.93 -27.66
N LYS C 50 21.64 11.79 -28.97
CA LYS C 50 21.83 10.47 -29.56
C LYS C 50 23.15 9.87 -29.07
N GLY C 51 23.06 8.72 -28.42
CA GLY C 51 24.19 8.05 -27.83
C GLY C 51 24.30 8.22 -26.32
N SER C 52 23.73 9.27 -25.76
CA SER C 52 23.90 9.54 -24.34
C SER C 52 23.04 8.61 -23.50
N SER C 53 23.24 8.65 -22.19
CA SER C 53 22.69 7.65 -21.30
C SER C 53 21.67 8.27 -20.34
N PHE C 54 20.84 7.40 -19.77
CA PHE C 54 20.07 7.71 -18.57
C PHE C 54 20.95 7.26 -17.41
N HIS C 55 21.66 8.20 -16.81
CA HIS C 55 22.71 7.94 -15.83
C HIS C 55 22.18 7.84 -14.40
N ARG C 56 20.97 8.31 -14.14
CA ARG C 56 20.42 8.35 -12.78
C ARG C 56 18.95 7.95 -12.85
N ILE C 57 18.62 6.78 -12.31
CA ILE C 57 17.27 6.22 -12.38
C ILE C 57 16.93 5.76 -10.96
N ILE C 58 16.00 6.46 -10.33
CA ILE C 58 15.62 6.16 -8.95
C ILE C 58 14.18 5.64 -8.97
N PRO C 59 13.95 4.37 -8.65
CA PRO C 59 12.59 3.81 -8.72
C PRO C 59 11.61 4.59 -7.85
N GLY C 60 10.44 4.89 -8.43
CA GLY C 60 9.42 5.64 -7.73
C GLY C 60 9.52 7.13 -7.90
N PHE C 61 10.55 7.60 -8.59
CA PHE C 61 10.69 9.04 -8.78
C PHE C 61 10.91 9.39 -10.25
N MET C 62 12.04 9.01 -10.86
CA MET C 62 12.29 9.52 -12.20
C MET C 62 13.44 8.78 -12.89
N CYS C 63 13.51 8.96 -14.21
CA CYS C 63 14.62 8.52 -15.04
C CYS C 63 15.26 9.78 -15.61
N GLN C 64 16.55 9.98 -15.34
CA GLN C 64 17.25 11.21 -15.65
C GLN C 64 18.39 10.93 -16.63
N GLY C 65 18.48 11.75 -17.67
CA GLY C 65 19.50 11.57 -18.68
C GLY C 65 19.91 12.88 -19.33
N GLY C 66 20.71 12.81 -20.39
CA GLY C 66 20.97 13.96 -21.25
C GLY C 66 22.35 14.56 -21.17
N ASP C 67 23.29 13.96 -20.44
CA ASP C 67 24.66 14.46 -20.40
C ASP C 67 25.44 13.90 -21.58
N PHE C 68 25.45 14.63 -22.69
CA PHE C 68 26.25 14.23 -23.84
C PHE C 68 27.59 14.97 -23.94
N THR C 69 27.94 15.81 -22.96
CA THR C 69 29.24 16.47 -23.02
C THR C 69 30.27 15.86 -22.10
N ARG C 70 29.89 15.50 -20.87
CA ARG C 70 30.83 14.87 -19.94
C ARG C 70 30.58 13.37 -19.77
N HIS C 71 29.39 12.90 -20.12
CA HIS C 71 29.06 11.48 -20.10
C HIS C 71 29.19 10.90 -18.70
N ASN C 72 28.92 11.72 -17.66
CA ASN C 72 29.03 11.22 -16.29
C ASN C 72 28.01 11.80 -15.32
N GLY C 73 26.97 12.50 -15.79
CA GLY C 73 25.98 13.09 -14.93
C GLY C 73 26.22 14.54 -14.55
N THR C 74 27.36 15.12 -14.91
CA THR C 74 27.69 16.47 -14.49
C THR C 74 27.60 17.52 -15.58
N GLY C 75 27.45 17.09 -16.85
CA GLY C 75 27.55 18.01 -17.94
C GLY C 75 26.25 18.20 -18.70
N GLY C 76 26.39 18.67 -19.94
CA GLY C 76 25.29 18.94 -20.81
C GLY C 76 25.36 20.38 -21.27
N LYS C 77 24.60 20.71 -22.30
CA LYS C 77 24.58 22.07 -22.78
C LYS C 77 23.34 22.23 -23.65
N SER C 78 22.86 23.47 -23.73
CA SER C 78 21.66 23.76 -24.47
C SER C 78 22.04 24.26 -25.85
N ILE C 79 21.02 24.49 -26.69
CA ILE C 79 21.30 25.07 -27.99
C ILE C 79 21.54 26.57 -27.89
N TYR C 80 21.33 27.17 -26.72
CA TYR C 80 21.51 28.61 -26.55
C TYR C 80 22.82 28.97 -25.89
N GLY C 81 23.62 27.99 -25.52
CA GLY C 81 24.76 28.17 -24.67
C GLY C 81 24.77 27.10 -23.60
N GLU C 82 25.70 27.25 -22.65
CA GLU C 82 25.85 26.22 -21.63
C GLU C 82 24.63 26.15 -20.72
N LYS C 83 24.02 27.29 -20.40
CA LYS C 83 22.84 27.32 -19.56
C LYS C 83 21.83 28.33 -20.10
N PHE C 84 20.57 28.16 -19.70
CA PHE C 84 19.57 29.20 -19.99
C PHE C 84 18.57 29.27 -18.84
N GLU C 85 17.86 30.40 -18.78
CA GLU C 85 17.06 30.68 -17.62
C GLU C 85 15.76 29.86 -17.63
N ASP C 86 15.15 29.77 -16.45
CA ASP C 86 13.88 29.08 -16.31
C ASP C 86 12.79 29.88 -17.02
N GLU C 87 12.17 29.26 -18.02
CA GLU C 87 11.27 29.99 -18.91
C GLU C 87 9.99 30.41 -18.19
N ASN C 88 9.29 29.45 -17.62
CA ASN C 88 8.10 29.71 -16.81
C ASN C 88 7.86 28.47 -15.96
N PHE C 89 6.91 28.58 -15.05
CA PHE C 89 6.52 27.42 -14.25
C PHE C 89 5.03 27.12 -14.40
N ILE C 90 4.48 27.33 -15.60
CA ILE C 90 3.05 27.16 -15.81
C ILE C 90 2.65 25.73 -15.49
N LEU C 91 3.46 24.77 -15.95
CA LEU C 91 3.10 23.36 -15.89
C LEU C 91 3.76 22.69 -14.69
N LYS C 92 3.06 21.73 -14.10
CA LYS C 92 3.50 21.12 -12.86
C LYS C 92 3.80 19.64 -13.05
N HIS C 93 4.44 19.08 -12.02
CA HIS C 93 4.85 17.67 -12.01
C HIS C 93 3.68 16.84 -11.50
N THR C 94 2.73 16.59 -12.40
CA THR C 94 1.42 16.10 -12.01
C THR C 94 1.31 14.59 -11.94
N GLY C 95 2.31 13.84 -12.40
CA GLY C 95 2.22 12.40 -12.40
C GLY C 95 3.18 11.73 -13.37
N PRO C 96 3.03 10.42 -13.55
CA PRO C 96 4.01 9.67 -14.34
C PRO C 96 4.02 10.11 -15.80
N GLY C 97 5.22 10.19 -16.38
CA GLY C 97 5.39 10.57 -17.77
C GLY C 97 5.69 12.04 -18.00
N ILE C 98 5.68 12.87 -16.95
CA ILE C 98 6.00 14.28 -17.12
C ILE C 98 7.46 14.43 -17.49
N LEU C 99 7.74 15.29 -18.47
CA LEU C 99 9.09 15.56 -18.95
C LEU C 99 9.50 16.94 -18.48
N SER C 100 10.60 17.01 -17.73
CA SER C 100 10.98 18.22 -17.01
C SER C 100 12.50 18.39 -17.08
N MET C 101 12.97 19.62 -16.93
CA MET C 101 14.39 19.94 -17.02
C MET C 101 15.10 19.71 -15.69
N ALA C 102 16.23 19.01 -15.74
CA ALA C 102 17.12 18.97 -14.58
C ALA C 102 17.91 20.27 -14.52
N ASN C 103 18.49 20.55 -13.35
CA ASN C 103 19.25 21.80 -13.20
C ASN C 103 20.05 21.72 -11.92
N ALA C 104 20.93 22.71 -11.74
CA ALA C 104 21.70 22.84 -10.51
C ALA C 104 21.32 24.12 -9.77
N GLY C 105 20.02 24.40 -9.70
CA GLY C 105 19.53 25.65 -9.13
C GLY C 105 18.91 26.56 -10.18
N PRO C 106 18.51 27.76 -9.75
CA PRO C 106 17.80 28.67 -10.66
C PRO C 106 18.59 29.00 -11.93
N ASN C 107 17.89 28.95 -13.06
CA ASN C 107 18.44 29.45 -14.33
C ASN C 107 19.71 28.71 -14.74
N THR C 108 19.68 27.39 -14.61
CA THR C 108 20.83 26.60 -15.02
C THR C 108 20.42 25.47 -15.96
N ASN C 109 19.34 25.65 -16.72
CA ASN C 109 18.94 24.60 -17.67
C ASN C 109 20.01 24.41 -18.74
N GLY C 110 20.26 23.15 -19.09
CA GLY C 110 21.24 22.80 -20.11
C GLY C 110 20.64 21.78 -21.06
N SER C 111 21.10 20.54 -20.98
CA SER C 111 20.46 19.45 -21.72
C SER C 111 19.85 18.38 -20.82
N GLN C 112 20.29 18.24 -19.57
CA GLN C 112 19.77 17.16 -18.77
C GLN C 112 18.28 17.37 -18.46
N PHE C 113 17.56 16.25 -18.37
CA PHE C 113 16.12 16.23 -18.24
C PHE C 113 15.78 15.01 -17.41
N PHE C 114 14.54 14.93 -16.95
CA PHE C 114 14.06 13.72 -16.32
C PHE C 114 12.62 13.46 -16.73
N ILE C 115 12.28 12.17 -16.80
CA ILE C 115 10.91 11.70 -16.96
C ILE C 115 10.42 11.26 -15.57
N CYS C 116 9.34 11.86 -15.08
CA CYS C 116 8.76 11.39 -13.82
C CYS C 116 8.13 10.02 -13.97
N THR C 117 8.28 9.17 -12.95
CA THR C 117 7.50 7.95 -12.84
C THR C 117 6.48 8.02 -11.72
N ALA C 118 6.38 9.17 -11.06
CA ALA C 118 5.38 9.45 -10.05
C ALA C 118 5.14 10.95 -10.05
N LYS C 119 4.06 11.36 -9.40
CA LYS C 119 3.89 12.77 -9.07
C LYS C 119 5.06 13.23 -8.22
N THR C 120 5.70 14.36 -8.61
CA THR C 120 6.83 14.93 -7.88
C THR C 120 6.58 16.42 -7.63
N GLU C 121 5.54 16.72 -6.84
CA GLU C 121 5.04 18.10 -6.70
C GLU C 121 6.01 19.03 -5.97
N TRP C 122 6.94 18.48 -5.20
CA TRP C 122 7.92 19.32 -4.53
C TRP C 122 8.90 19.97 -5.51
N LEU C 123 8.88 19.55 -6.77
CA LEU C 123 9.74 20.14 -7.79
C LEU C 123 9.04 21.27 -8.53
N ASP C 124 7.73 21.41 -8.35
CA ASP C 124 6.99 22.53 -8.92
C ASP C 124 7.61 23.87 -8.55
N GLY C 125 7.75 24.74 -9.55
CA GLY C 125 8.31 26.04 -9.30
C GLY C 125 9.81 26.07 -9.25
N LYS C 126 10.47 24.91 -9.36
CA LYS C 126 11.92 24.82 -9.33
C LYS C 126 12.51 24.13 -10.55
N HIS C 127 11.75 23.28 -11.23
CA HIS C 127 12.16 22.67 -12.49
C HIS C 127 11.08 22.97 -13.52
N VAL C 128 11.50 23.36 -14.71
CA VAL C 128 10.57 23.71 -15.79
C VAL C 128 10.05 22.43 -16.45
N VAL C 129 8.72 22.23 -16.39
CA VAL C 129 8.04 21.17 -17.12
C VAL C 129 7.77 21.62 -18.55
N PHE C 130 8.04 20.74 -19.53
CA PHE C 130 7.93 21.18 -20.91
C PHE C 130 7.40 20.10 -21.86
N GLY C 131 7.04 18.93 -21.36
CA GLY C 131 6.50 17.91 -22.22
C GLY C 131 5.93 16.76 -21.42
N LYS C 132 5.50 15.74 -22.13
CA LYS C 132 5.01 14.55 -21.44
C LYS C 132 5.19 13.35 -22.34
N VAL C 133 5.30 12.18 -21.73
CA VAL C 133 5.36 10.96 -22.52
C VAL C 133 4.06 10.78 -23.26
N LYS C 134 4.18 10.40 -24.53
CA LYS C 134 3.01 10.17 -25.37
C LYS C 134 2.79 8.66 -25.48
N GLU C 135 3.71 7.96 -26.15
CA GLU C 135 3.66 6.51 -26.20
C GLU C 135 4.88 5.93 -25.52
N GLY C 136 4.72 4.72 -24.96
CA GLY C 136 5.84 4.03 -24.37
C GLY C 136 6.06 4.26 -22.89
N MET C 137 5.03 4.59 -22.13
CA MET C 137 5.19 4.59 -20.68
C MET C 137 5.62 3.22 -20.19
N ASN C 138 5.29 2.15 -20.93
CA ASN C 138 5.69 0.82 -20.51
C ASN C 138 7.19 0.63 -20.66
N ILE C 139 7.79 1.32 -21.64
CA ILE C 139 9.24 1.31 -21.79
C ILE C 139 9.90 2.12 -20.67
N VAL C 140 9.29 3.25 -20.31
CA VAL C 140 9.81 4.04 -19.19
C VAL C 140 9.77 3.21 -17.90
N GLU C 141 8.68 2.48 -17.67
CA GLU C 141 8.60 1.60 -16.52
C GLU C 141 9.67 0.51 -16.56
N ALA C 142 9.97 -0.01 -17.74
CA ALA C 142 11.08 -0.95 -17.85
C ALA C 142 12.41 -0.28 -17.48
N MET C 143 12.65 0.93 -17.95
CA MET C 143 13.89 1.63 -17.60
C MET C 143 13.99 1.80 -16.09
N GLU C 144 12.89 2.16 -15.46
CA GLU C 144 12.88 2.41 -14.02
C GLU C 144 13.35 1.17 -13.26
N ARG C 145 13.09 -0.02 -13.80
CA ARG C 145 13.51 -1.24 -13.10
C ARG C 145 15.02 -1.44 -13.11
N PHE C 146 15.75 -0.76 -14.00
CA PHE C 146 17.20 -0.84 -14.01
C PHE C 146 17.87 0.11 -13.02
N GLY C 147 17.09 0.94 -12.32
CA GLY C 147 17.64 1.89 -11.37
C GLY C 147 17.86 1.28 -9.99
N SER C 148 18.18 2.16 -9.04
CA SER C 148 18.44 1.74 -7.67
C SER C 148 18.27 2.92 -6.73
N ARG C 149 18.40 2.64 -5.41
CA ARG C 149 18.20 3.66 -4.39
C ARG C 149 18.99 4.91 -4.67
N ASN C 150 20.26 4.78 -5.08
CA ASN C 150 21.10 5.94 -5.29
C ASN C 150 21.22 6.31 -6.77
N GLY C 151 20.31 5.80 -7.61
CA GLY C 151 20.27 6.17 -9.00
C GLY C 151 21.18 5.38 -9.92
N LYS C 152 22.09 4.58 -9.39
CA LYS C 152 22.99 3.82 -10.25
C LYS C 152 22.21 2.75 -11.00
N THR C 153 22.53 2.57 -12.27
CA THR C 153 21.78 1.61 -13.07
C THR C 153 22.54 0.30 -13.22
N SER C 154 21.78 -0.80 -13.28
CA SER C 154 22.36 -2.15 -13.29
C SER C 154 22.87 -2.56 -14.66
N LYS C 155 22.43 -1.89 -15.72
CA LYS C 155 23.03 -2.01 -17.04
C LYS C 155 23.04 -0.61 -17.63
N LYS C 156 23.76 -0.45 -18.74
CA LYS C 156 23.86 0.85 -19.37
C LYS C 156 22.61 1.14 -20.21
N ILE C 157 21.88 2.20 -19.84
CA ILE C 157 20.65 2.60 -20.53
C ILE C 157 20.97 3.77 -21.43
N THR C 158 20.79 3.62 -22.74
CA THR C 158 21.14 4.69 -23.65
C THR C 158 20.02 5.03 -24.61
N ILE C 159 20.13 6.23 -25.17
CA ILE C 159 19.29 6.70 -26.28
C ILE C 159 20.02 6.27 -27.56
N ALA C 160 19.69 5.08 -28.05
CA ALA C 160 20.41 4.58 -29.23
C ALA C 160 20.07 5.37 -30.49
N ASP C 161 18.85 5.87 -30.59
CA ASP C 161 18.44 6.72 -31.71
C ASP C 161 17.40 7.71 -31.18
N CYS C 162 17.23 8.81 -31.90
CA CYS C 162 16.27 9.82 -31.49
C CYS C 162 16.10 10.80 -32.64
N GLY C 163 14.97 11.50 -32.64
CA GLY C 163 14.65 12.42 -33.71
C GLY C 163 13.24 12.94 -33.54
N GLN C 164 12.76 13.62 -34.58
CA GLN C 164 11.45 14.24 -34.56
C GLN C 164 10.47 13.40 -35.37
N LEU C 165 9.31 13.12 -34.79
CA LEU C 165 8.28 12.34 -35.46
C LEU C 165 7.37 13.25 -36.27
N GLU C 166 7.27 12.98 -37.57
CA GLU C 166 6.36 13.59 -38.54
C GLU C 166 6.92 13.41 -39.96
N SER D 1 -0.43 -0.45 28.18
CA SER D 1 0.05 0.63 27.32
C SER D 1 0.03 1.99 28.02
N MET D 2 0.98 2.86 27.68
CA MET D 2 0.98 4.22 28.21
C MET D 2 -0.07 5.11 27.55
N VAL D 3 -0.55 4.74 26.36
CA VAL D 3 -1.51 5.54 25.60
C VAL D 3 -2.77 4.75 25.29
N ASN D 4 -2.64 3.47 25.01
CA ASN D 4 -3.81 2.75 24.52
C ASN D 4 -4.54 2.04 25.64
N PRO D 5 -5.86 2.14 25.65
CA PRO D 5 -6.64 1.47 26.69
C PRO D 5 -6.64 -0.03 26.53
N THR D 6 -6.75 -0.73 27.67
CA THR D 6 -6.84 -2.18 27.70
C THR D 6 -8.21 -2.55 28.25
N VAL D 7 -8.93 -3.41 27.52
CA VAL D 7 -10.22 -3.90 28.00
C VAL D 7 -10.13 -5.42 28.13
N PHE D 8 -11.03 -5.98 28.95
CA PHE D 8 -11.08 -7.41 29.17
C PHE D 8 -12.47 -7.96 28.93
N PHE D 9 -12.53 -9.21 28.44
CA PHE D 9 -13.75 -10.01 28.41
C PHE D 9 -13.51 -11.22 29.31
N ASP D 10 -14.43 -11.51 30.21
CA ASP D 10 -14.47 -12.80 30.90
C ASP D 10 -15.45 -13.67 30.14
N ILE D 11 -14.92 -14.69 29.44
CA ILE D 11 -15.66 -15.55 28.53
C ILE D 11 -16.27 -16.71 29.31
N ALA D 12 -17.54 -17.03 29.01
CA ALA D 12 -18.25 -18.13 29.65
C ALA D 12 -18.75 -19.13 28.61
N VAL D 13 -18.82 -20.39 29.02
CA VAL D 13 -19.34 -21.48 28.21
C VAL D 13 -20.54 -22.05 28.96
N ASP D 14 -21.74 -21.86 28.40
CA ASP D 14 -22.98 -22.20 29.09
C ASP D 14 -22.92 -21.70 30.54
N GLY D 15 -22.44 -20.46 30.70
CA GLY D 15 -22.40 -19.84 32.01
C GLY D 15 -21.16 -20.14 32.85
N GLU D 16 -20.37 -21.16 32.50
CA GLU D 16 -19.18 -21.50 33.26
C GLU D 16 -17.97 -20.71 32.76
N PRO D 17 -17.14 -20.21 33.68
CA PRO D 17 -15.98 -19.41 33.28
C PRO D 17 -15.01 -20.21 32.43
N LEU D 18 -14.62 -19.65 31.29
CA LEU D 18 -13.54 -20.24 30.52
C LEU D 18 -12.21 -19.56 30.84
N GLY D 19 -12.17 -18.23 30.75
CA GLY D 19 -10.98 -17.48 31.07
C GLY D 19 -11.15 -16.06 30.57
N ARG D 20 -10.10 -15.27 30.78
CA ARG D 20 -10.15 -13.84 30.46
C ARG D 20 -9.33 -13.57 29.21
N VAL D 21 -9.89 -12.80 28.29
CA VAL D 21 -9.16 -12.27 27.15
C VAL D 21 -9.07 -10.77 27.33
N SER D 22 -7.86 -10.22 27.26
CA SER D 22 -7.65 -8.79 27.29
C SER D 22 -7.19 -8.30 25.92
N PHE D 23 -7.53 -7.05 25.61
CA PHE D 23 -7.24 -6.46 24.31
C PHE D 23 -6.56 -5.11 24.49
N GLU D 24 -5.52 -4.84 23.73
CA GLU D 24 -5.06 -3.47 23.55
C GLU D 24 -5.87 -2.85 22.42
N LEU D 25 -6.44 -1.67 22.68
CA LEU D 25 -7.20 -0.93 21.69
C LEU D 25 -6.34 0.21 21.17
N PHE D 26 -6.16 0.25 19.85
CA PHE D 26 -5.17 1.13 19.22
C PHE D 26 -5.77 2.53 19.04
N ALA D 27 -5.99 3.19 20.18
CA ALA D 27 -6.53 4.55 20.16
C ALA D 27 -5.55 5.54 19.56
N ASP D 28 -4.24 5.25 19.67
CA ASP D 28 -3.24 6.13 19.08
C ASP D 28 -3.42 6.26 17.57
N LYS D 29 -3.91 5.21 16.89
CA LYS D 29 -4.07 5.23 15.45
C LYS D 29 -5.53 5.17 15.00
N VAL D 30 -6.44 4.64 15.81
CA VAL D 30 -7.84 4.53 15.40
C VAL D 30 -8.72 5.01 16.56
N PRO D 31 -8.65 6.30 16.90
CA PRO D 31 -9.28 6.77 18.15
C PRO D 31 -10.80 6.62 18.20
N LYS D 32 -11.55 6.92 17.14
CA LYS D 32 -13.00 6.85 17.25
C LYS D 32 -13.46 5.41 17.41
N THR D 33 -12.83 4.50 16.67
CA THR D 33 -13.23 3.09 16.69
C THR D 33 -12.79 2.42 17.99
N ALA D 34 -11.57 2.68 18.45
CA ALA D 34 -11.16 2.18 19.76
C ALA D 34 -12.08 2.67 20.87
N GLU D 35 -12.43 3.97 20.87
CA GLU D 35 -13.30 4.50 21.93
C GLU D 35 -14.68 3.83 21.93
N ASN D 36 -15.25 3.58 20.75
CA ASN D 36 -16.50 2.83 20.67
C ASN D 36 -16.39 1.50 21.42
N PHE D 37 -15.41 0.68 21.04
CA PHE D 37 -15.23 -0.63 21.67
C PHE D 37 -14.99 -0.49 23.16
N ARG D 38 -14.17 0.50 23.55
CA ARG D 38 -13.91 0.75 24.97
C ARG D 38 -15.21 1.03 25.72
N ALA D 39 -16.01 1.97 25.21
CA ALA D 39 -17.21 2.38 25.93
C ALA D 39 -18.24 1.25 25.98
N LEU D 40 -18.33 0.44 24.92
CA LEU D 40 -19.22 -0.71 24.94
C LEU D 40 -18.72 -1.79 25.90
N SER D 41 -17.41 -1.86 26.16
CA SER D 41 -16.89 -2.85 27.10
C SER D 41 -17.13 -2.44 28.55
N THR D 42 -17.08 -1.14 28.86
CA THR D 42 -17.41 -0.70 30.21
C THR D 42 -18.90 -0.57 30.44
N GLY D 43 -19.69 -0.45 29.38
CA GLY D 43 -21.12 -0.22 29.53
C GLY D 43 -21.51 1.16 30.03
N GLU D 44 -20.59 2.13 30.01
CA GLU D 44 -20.85 3.43 30.62
C GLU D 44 -21.93 4.24 29.90
N LYS D 45 -22.31 3.86 28.69
CA LYS D 45 -23.40 4.53 27.98
C LYS D 45 -24.77 3.94 28.31
N GLY D 46 -24.82 2.87 29.11
CA GLY D 46 -26.06 2.22 29.44
C GLY D 46 -26.37 1.00 28.61
N PHE D 47 -25.43 0.59 27.75
CA PHE D 47 -25.57 -0.57 26.89
C PHE D 47 -24.17 -1.02 26.51
N GLY D 48 -24.06 -2.26 26.06
CA GLY D 48 -22.74 -2.75 25.73
C GLY D 48 -22.70 -4.26 25.66
N TYR D 49 -21.47 -4.78 25.69
CA TYR D 49 -21.19 -6.18 25.39
C TYR D 49 -21.52 -7.15 26.51
N LYS D 50 -21.60 -6.69 27.76
CA LYS D 50 -21.79 -7.62 28.88
C LYS D 50 -23.05 -8.44 28.68
N GLY D 51 -22.89 -9.77 28.63
CA GLY D 51 -24.01 -10.69 28.44
C GLY D 51 -24.18 -11.17 27.01
N SER D 52 -23.64 -10.45 26.03
CA SER D 52 -23.79 -10.82 24.63
C SER D 52 -22.90 -12.03 24.31
N SER D 53 -23.08 -12.57 23.11
CA SER D 53 -22.48 -13.84 22.76
C SER D 53 -21.57 -13.73 21.55
N PHE D 54 -20.71 -14.73 21.41
CA PHE D 54 -19.98 -14.97 20.16
C PHE D 54 -20.83 -15.92 19.34
N HIS D 55 -21.58 -15.36 18.38
CA HIS D 55 -22.59 -16.09 17.64
C HIS D 55 -22.03 -16.80 16.43
N ARG D 56 -20.87 -16.37 15.91
CA ARG D 56 -20.30 -16.95 14.70
C ARG D 56 -18.81 -17.23 14.95
N ILE D 57 -18.47 -18.51 15.08
CA ILE D 57 -17.09 -18.93 15.34
C ILE D 57 -16.75 -19.92 14.24
N ILE D 58 -15.77 -19.59 13.42
CA ILE D 58 -15.36 -20.50 12.34
C ILE D 58 -13.89 -20.87 12.55
N PRO D 59 -13.61 -22.12 12.89
CA PRO D 59 -12.23 -22.53 13.17
C PRO D 59 -11.34 -22.26 11.97
N GLY D 60 -10.13 -21.77 12.26
CA GLY D 60 -9.21 -21.38 11.22
C GLY D 60 -9.36 -19.96 10.72
N PHE D 61 -10.36 -19.20 11.22
CA PHE D 61 -10.60 -17.87 10.70
C PHE D 61 -10.83 -16.83 11.80
N MET D 62 -11.95 -16.87 12.52
CA MET D 62 -12.28 -15.82 13.48
C MET D 62 -13.34 -16.27 14.47
N CYS D 63 -13.42 -15.52 15.59
CA CYS D 63 -14.54 -15.56 16.53
C CYS D 63 -15.25 -14.22 16.47
N GLN D 64 -16.55 -14.23 16.15
CA GLN D 64 -17.30 -13.00 15.93
C GLN D 64 -18.42 -12.86 16.96
N GLY D 65 -18.59 -11.62 17.45
CA GLY D 65 -19.64 -11.36 18.42
C GLY D 65 -20.03 -9.91 18.40
N GLY D 66 -20.77 -9.47 19.41
CA GLY D 66 -21.09 -8.07 19.61
C GLY D 66 -22.53 -7.68 19.39
N ASP D 67 -23.41 -8.60 19.03
CA ASP D 67 -24.82 -8.25 18.82
C ASP D 67 -25.55 -8.27 20.16
N PHE D 68 -25.73 -7.09 20.77
CA PHE D 68 -26.46 -6.98 22.03
C PHE D 68 -27.84 -6.34 21.85
N THR D 69 -28.27 -6.08 20.61
CA THR D 69 -29.58 -5.48 20.40
C THR D 69 -30.61 -6.44 19.83
N ARG D 70 -30.21 -7.31 18.90
CA ARG D 70 -31.07 -8.35 18.36
C ARG D 70 -30.76 -9.74 18.88
N HIS D 71 -29.53 -9.97 19.31
CA HIS D 71 -29.14 -11.25 19.94
C HIS D 71 -29.23 -12.40 18.94
N ASN D 72 -28.98 -12.11 17.65
CA ASN D 72 -29.08 -13.17 16.65
C ASN D 72 -28.09 -13.00 15.50
N GLY D 73 -27.06 -12.16 15.64
CA GLY D 73 -26.07 -12.00 14.60
C GLY D 73 -26.36 -10.90 13.60
N THR D 74 -27.52 -10.25 13.69
CA THR D 74 -27.88 -9.22 12.72
C THR D 74 -27.88 -7.81 13.29
N GLY D 75 -27.78 -7.64 14.62
CA GLY D 75 -27.98 -6.37 15.25
C GLY D 75 -26.69 -5.74 15.76
N GLY D 76 -26.85 -4.79 16.68
CA GLY D 76 -25.72 -4.04 17.19
C GLY D 76 -25.87 -2.54 16.96
N LYS D 77 -25.14 -1.75 17.73
CA LYS D 77 -25.14 -0.31 17.56
C LYS D 77 -23.90 0.25 18.22
N SER D 78 -23.49 1.42 17.77
CA SER D 78 -22.31 2.07 18.31
C SER D 78 -22.69 3.14 19.31
N ILE D 79 -21.68 3.68 19.99
CA ILE D 79 -21.91 4.82 20.88
C ILE D 79 -22.20 6.09 20.11
N TYR D 80 -22.06 6.08 18.78
CA TYR D 80 -22.31 7.26 17.96
C TYR D 80 -23.67 7.24 17.27
N GLY D 81 -24.44 6.17 17.42
CA GLY D 81 -25.61 5.94 16.60
C GLY D 81 -25.55 4.53 16.05
N GLU D 82 -26.52 4.20 15.17
CA GLU D 82 -26.61 2.82 14.68
C GLU D 82 -25.36 2.43 13.89
N LYS D 83 -24.83 3.33 13.06
CA LYS D 83 -23.67 3.03 12.22
C LYS D 83 -22.67 4.17 12.34
N PHE D 84 -21.40 3.88 12.03
CA PHE D 84 -20.42 4.94 11.85
C PHE D 84 -19.42 4.55 10.78
N GLU D 85 -18.79 5.56 10.19
CA GLU D 85 -18.02 5.36 8.99
C GLU D 85 -16.70 4.66 9.28
N ASP D 86 -16.15 4.04 8.24
CA ASP D 86 -14.83 3.44 8.34
C ASP D 86 -13.79 4.52 8.62
N GLU D 87 -13.17 4.46 9.81
CA GLU D 87 -12.31 5.55 10.26
C GLU D 87 -11.04 5.66 9.41
N ASN D 88 -10.32 4.55 9.27
CA ASN D 88 -9.15 4.47 8.39
C ASN D 88 -8.85 2.99 8.17
N PHE D 89 -7.90 2.73 7.29
CA PHE D 89 -7.41 1.37 7.05
C PHE D 89 -5.89 1.28 7.25
N ILE D 90 -5.38 1.98 8.27
CA ILE D 90 -3.95 1.98 8.52
C ILE D 90 -3.46 0.60 8.93
N LEU D 91 -4.21 -0.08 9.80
CA LEU D 91 -3.82 -1.38 10.33
C LEU D 91 -4.41 -2.52 9.49
N LYS D 92 -3.68 -3.63 9.42
CA LYS D 92 -4.09 -4.72 8.56
C LYS D 92 -4.31 -5.99 9.37
N HIS D 93 -4.95 -6.97 8.73
CA HIS D 93 -5.25 -8.27 9.35
C HIS D 93 -4.02 -9.14 9.16
N THR D 94 -3.07 -9.00 10.08
CA THR D 94 -1.76 -9.60 9.94
C THR D 94 -1.60 -10.95 10.61
N GLY D 95 -2.55 -11.36 11.46
CA GLY D 95 -2.48 -12.66 12.07
C GLY D 95 -3.40 -12.84 13.26
N PRO D 96 -3.18 -13.91 14.01
CA PRO D 96 -4.05 -14.22 15.15
C PRO D 96 -3.96 -13.15 16.21
N GLY D 97 -5.08 -12.91 16.87
CA GLY D 97 -5.19 -11.89 17.88
C GLY D 97 -5.73 -10.56 17.37
N ILE D 98 -5.73 -10.34 16.06
CA ILE D 98 -6.20 -9.06 15.53
C ILE D 98 -7.69 -8.89 15.85
N LEU D 99 -8.02 -7.69 16.32
CA LEU D 99 -9.39 -7.31 16.66
C LEU D 99 -9.87 -6.31 15.61
N SER D 100 -10.96 -6.64 14.94
CA SER D 100 -11.38 -5.85 13.78
C SER D 100 -12.90 -5.71 13.79
N MET D 101 -13.41 -4.68 13.11
CA MET D 101 -14.85 -4.43 13.10
C MET D 101 -15.54 -5.27 12.05
N ALA D 102 -16.68 -5.84 12.42
CA ALA D 102 -17.54 -6.50 11.45
C ALA D 102 -18.44 -5.47 10.78
N ASN D 103 -18.93 -5.78 9.59
CA ASN D 103 -19.78 -4.78 8.92
C ASN D 103 -20.60 -5.43 7.82
N ALA D 104 -21.47 -4.63 7.23
CA ALA D 104 -22.31 -5.03 6.11
C ALA D 104 -22.00 -4.21 4.86
N GLY D 105 -20.72 -3.95 4.63
CA GLY D 105 -20.28 -3.12 3.53
C GLY D 105 -19.69 -1.83 4.04
N PRO D 106 -19.33 -0.92 3.14
CA PRO D 106 -18.68 0.33 3.57
C PRO D 106 -19.48 1.12 4.59
N ASN D 107 -18.79 1.63 5.61
CA ASN D 107 -19.34 2.63 6.52
C ASN D 107 -20.59 2.14 7.25
N THR D 108 -20.55 0.90 7.72
CA THR D 108 -21.65 0.31 8.50
C THR D 108 -21.15 -0.27 9.81
N ASN D 109 -20.15 0.36 10.42
CA ASN D 109 -19.68 -0.12 11.71
C ASN D 109 -20.74 0.12 12.78
N GLY D 110 -20.92 -0.87 13.65
CA GLY D 110 -21.84 -0.75 14.75
C GLY D 110 -21.20 -1.19 16.04
N SER D 111 -21.49 -2.42 16.46
CA SER D 111 -20.83 -3.03 17.61
C SER D 111 -20.25 -4.41 17.34
N GLN D 112 -20.66 -5.09 16.29
CA GLN D 112 -20.11 -6.42 16.05
C GLN D 112 -18.64 -6.33 15.64
N PHE D 113 -17.87 -7.31 16.06
CA PHE D 113 -16.43 -7.33 15.89
C PHE D 113 -16.03 -8.78 15.65
N PHE D 114 -14.77 -8.98 15.30
CA PHE D 114 -14.24 -10.33 15.23
C PHE D 114 -12.79 -10.33 15.67
N ILE D 115 -12.40 -11.45 16.28
CA ILE D 115 -11.02 -11.71 16.69
C ILE D 115 -10.46 -12.74 15.72
N CYS D 116 -9.42 -12.37 14.98
CA CYS D 116 -8.80 -13.29 14.03
C CYS D 116 -8.05 -14.40 14.76
N THR D 117 -8.18 -15.62 14.25
CA THR D 117 -7.35 -16.73 14.69
C THR D 117 -6.34 -17.12 13.62
N ALA D 118 -6.19 -16.29 12.60
CA ALA D 118 -5.33 -16.53 11.47
C ALA D 118 -5.23 -15.21 10.71
N LYS D 119 -4.23 -15.10 9.86
CA LYS D 119 -4.16 -13.97 8.95
C LYS D 119 -5.38 -13.99 8.02
N THR D 120 -6.04 -12.84 7.88
CA THR D 120 -7.22 -12.71 7.01
C THR D 120 -7.04 -11.47 6.12
N GLU D 121 -5.98 -11.48 5.31
CA GLU D 121 -5.58 -10.28 4.60
C GLU D 121 -6.54 -9.87 3.49
N TRP D 122 -7.41 -10.78 3.03
CA TRP D 122 -8.43 -10.37 2.07
C TRP D 122 -9.42 -9.39 2.68
N LEU D 123 -9.40 -9.20 4.00
CA LEU D 123 -10.26 -8.20 4.64
C LEU D 123 -9.57 -6.84 4.75
N ASP D 124 -8.29 -6.74 4.42
CA ASP D 124 -7.61 -5.46 4.46
C ASP D 124 -8.34 -4.45 3.58
N GLY D 125 -8.48 -3.22 4.07
CA GLY D 125 -9.14 -2.18 3.31
C GLY D 125 -10.65 -2.25 3.32
N LYS D 126 -11.24 -3.27 3.93
CA LYS D 126 -12.69 -3.41 4.01
C LYS D 126 -13.23 -3.44 5.44
N HIS D 127 -12.40 -3.85 6.40
CA HIS D 127 -12.78 -3.93 7.80
C HIS D 127 -11.76 -3.14 8.60
N VAL D 128 -12.23 -2.30 9.52
CA VAL D 128 -11.31 -1.45 10.28
C VAL D 128 -10.71 -2.26 11.43
N VAL D 129 -9.40 -2.47 11.38
CA VAL D 129 -8.64 -3.07 12.46
C VAL D 129 -8.38 -2.01 13.52
N PHE D 130 -8.56 -2.36 14.78
CA PHE D 130 -8.40 -1.36 15.84
C PHE D 130 -7.86 -1.94 17.14
N GLY D 131 -7.45 -3.20 17.20
CA GLY D 131 -6.97 -3.74 18.45
C GLY D 131 -6.32 -5.09 18.22
N LYS D 132 -5.83 -5.68 19.33
CA LYS D 132 -5.21 -6.98 19.29
C LYS D 132 -5.32 -7.61 20.67
N VAL D 133 -5.46 -8.94 20.69
CA VAL D 133 -5.46 -9.67 21.94
C VAL D 133 -4.11 -9.46 22.62
N LYS D 134 -4.15 -9.17 23.90
CA LYS D 134 -2.98 -8.97 24.74
C LYS D 134 -2.75 -10.25 25.55
N GLU D 135 -3.59 -10.49 26.54
CA GLU D 135 -3.56 -11.75 27.25
C GLU D 135 -4.78 -12.60 26.87
N GLY D 136 -4.61 -13.92 26.97
CA GLY D 136 -5.71 -14.85 26.81
C GLY D 136 -5.89 -15.41 25.42
N MET D 137 -4.84 -15.38 24.58
CA MET D 137 -4.99 -16.00 23.27
C MET D 137 -5.35 -17.47 23.39
N ASN D 138 -4.82 -18.16 24.40
CA ASN D 138 -5.21 -19.56 24.58
C ASN D 138 -6.71 -19.68 24.83
N ILE D 139 -7.34 -18.65 25.40
CA ILE D 139 -8.78 -18.68 25.61
C ILE D 139 -9.52 -18.51 24.29
N VAL D 140 -8.99 -17.66 23.40
CA VAL D 140 -9.56 -17.52 22.07
C VAL D 140 -9.49 -18.85 21.32
N GLU D 141 -8.34 -19.51 21.41
CA GLU D 141 -8.19 -20.81 20.78
C GLU D 141 -9.16 -21.83 21.35
N ALA D 142 -9.39 -21.80 22.67
CA ALA D 142 -10.37 -22.71 23.26
C ALA D 142 -11.79 -22.38 22.79
N MET D 143 -12.11 -21.08 22.65
CA MET D 143 -13.40 -20.69 22.11
C MET D 143 -13.59 -21.23 20.70
N GLU D 144 -12.54 -21.10 19.88
CA GLU D 144 -12.60 -21.50 18.48
C GLU D 144 -13.05 -22.94 18.31
N ARG D 145 -12.76 -23.81 19.29
CA ARG D 145 -13.15 -25.20 19.19
C ARG D 145 -14.65 -25.42 19.37
N PHE D 146 -15.40 -24.40 19.77
CA PHE D 146 -16.84 -24.53 19.91
C PHE D 146 -17.60 -24.13 18.65
N GLY D 147 -16.91 -23.63 17.63
CA GLY D 147 -17.54 -23.26 16.38
C GLY D 147 -17.60 -24.40 15.41
N SER D 148 -17.90 -24.07 14.15
CA SER D 148 -18.03 -25.06 13.09
C SER D 148 -17.89 -24.35 11.75
N ARG D 149 -17.98 -25.14 10.67
CA ARG D 149 -17.77 -24.64 9.32
C ARG D 149 -18.71 -23.50 8.97
N ASN D 150 -19.96 -23.54 9.45
CA ASN D 150 -20.93 -22.51 9.11
C ASN D 150 -21.12 -21.49 10.23
N GLY D 151 -20.21 -21.45 11.20
CA GLY D 151 -20.26 -20.49 12.28
C GLY D 151 -21.07 -20.89 13.49
N LYS D 152 -21.98 -21.86 13.36
CA LYS D 152 -22.82 -22.22 14.50
C LYS D 152 -21.97 -22.78 15.64
N THR D 153 -22.32 -22.40 16.87
CA THR D 153 -21.58 -22.80 18.05
C THR D 153 -22.33 -23.91 18.78
N SER D 154 -21.56 -24.85 19.34
CA SER D 154 -22.11 -26.06 19.94
C SER D 154 -22.45 -25.87 21.41
N LYS D 155 -21.94 -24.80 22.02
CA LYS D 155 -22.35 -24.33 23.33
C LYS D 155 -22.46 -22.81 23.26
N LYS D 156 -23.12 -22.23 24.24
CA LYS D 156 -23.33 -20.79 24.28
C LYS D 156 -22.06 -20.12 24.80
N ILE D 157 -21.45 -19.27 23.99
CA ILE D 157 -20.18 -18.61 24.34
C ILE D 157 -20.50 -17.16 24.62
N THR D 158 -20.35 -16.71 25.86
CA THR D 158 -20.81 -15.36 26.20
C THR D 158 -19.71 -14.55 26.86
N ILE D 159 -19.90 -13.23 26.79
CA ILE D 159 -19.07 -12.28 27.53
C ILE D 159 -19.75 -12.13 28.88
N ALA D 160 -19.30 -12.93 29.85
CA ALA D 160 -19.92 -12.95 31.15
C ALA D 160 -19.65 -11.66 31.92
N ASP D 161 -18.49 -11.06 31.68
CA ASP D 161 -18.13 -9.78 32.27
C ASP D 161 -17.16 -9.10 31.32
N CYS D 162 -17.11 -7.78 31.40
CA CYS D 162 -16.17 -7.04 30.58
C CYS D 162 -16.02 -5.67 31.21
N GLY D 163 -14.92 -5.00 30.87
CA GLY D 163 -14.64 -3.70 31.42
C GLY D 163 -13.27 -3.23 30.99
N GLN D 164 -12.79 -2.20 31.67
CA GLN D 164 -11.50 -1.59 31.35
C GLN D 164 -10.50 -1.89 32.45
N LEU D 165 -9.26 -2.18 32.06
CA LEU D 165 -8.17 -2.49 32.99
C LEU D 165 -7.28 -1.28 33.26
#